data_1ZG2
#
_entry.id   1ZG2
#
_entity_poly.entity_id   1
_entity_poly.type   'polypeptide(L)'
_entity_poly.pdbx_seq_one_letter_code
;MAGDPMNHYVYILECKDGSWYTGYTTDVDRRIKKHASGKGAKYTRGRGPFRLVATWAFPSKEEAMRWEYEVKHLSRRKKE
QLVSLKGGPYENTTKLSTTLEHHHHHH
;
_entity_poly.pdbx_strand_id   A
#
# COMPACT_ATOMS: atom_id res chain seq x y z
N MET A 6 -7.96 -7.73 -13.89
CA MET A 6 -8.27 -7.26 -12.54
C MET A 6 -7.28 -6.17 -12.10
N ASN A 7 -7.64 -5.45 -11.05
CA ASN A 7 -6.83 -4.33 -10.58
C ASN A 7 -5.98 -4.76 -9.40
N HIS A 8 -4.67 -4.79 -9.59
CA HIS A 8 -3.77 -5.23 -8.53
C HIS A 8 -3.05 -4.05 -7.91
N TYR A 9 -3.44 -3.70 -6.69
CA TYR A 9 -2.80 -2.61 -5.97
C TYR A 9 -2.17 -3.13 -4.69
N VAL A 10 -0.84 -3.11 -4.63
CA VAL A 10 -0.15 -3.51 -3.42
C VAL A 10 -0.06 -2.32 -2.48
N TYR A 11 -0.76 -2.40 -1.36
CA TYR A 11 -0.72 -1.35 -0.36
C TYR A 11 0.12 -1.77 0.83
N ILE A 12 0.96 -0.88 1.31
CA ILE A 12 1.71 -1.14 2.51
C ILE A 12 1.39 -0.08 3.55
N LEU A 13 0.78 -0.52 4.63
CA LEU A 13 0.30 0.39 5.65
C LEU A 13 1.11 0.25 6.93
N GLU A 14 1.63 1.36 7.42
CA GLU A 14 2.34 1.36 8.67
C GLU A 14 1.34 1.31 9.81
N CYS A 15 1.41 0.25 10.59
CA CYS A 15 0.46 0.05 11.68
C CYS A 15 0.86 0.86 12.91
N LYS A 16 -0.01 0.84 13.91
CA LYS A 16 0.21 1.55 15.17
C LYS A 16 1.56 1.20 15.79
N ASP A 17 2.01 -0.03 15.58
CA ASP A 17 3.21 -0.55 16.23
C ASP A 17 4.46 -0.13 15.49
N GLY A 18 4.31 0.25 14.22
CA GLY A 18 5.45 0.61 13.40
C GLY A 18 5.78 -0.47 12.38
N SER A 19 5.06 -1.57 12.45
CA SER A 19 5.22 -2.65 11.49
C SER A 19 4.47 -2.30 10.21
N TRP A 20 5.09 -2.58 9.07
CA TRP A 20 4.46 -2.30 7.80
C TRP A 20 3.62 -3.48 7.32
N TYR A 21 2.36 -3.20 7.05
CA TYR A 21 1.41 -4.23 6.67
C TYR A 21 1.39 -4.35 5.16
N THR A 22 1.79 -5.49 4.65
CA THR A 22 1.88 -5.71 3.22
C THR A 22 0.70 -6.56 2.73
N GLY A 23 0.05 -6.08 1.68
CA GLY A 23 -1.03 -6.82 1.07
C GLY A 23 -1.54 -6.12 -0.16
N TYR A 24 -1.79 -6.86 -1.22
CA TYR A 24 -2.33 -6.24 -2.43
C TYR A 24 -3.83 -6.51 -2.56
N THR A 25 -4.56 -5.48 -2.94
CA THR A 25 -6.00 -5.56 -3.07
C THR A 25 -6.38 -5.73 -4.53
N THR A 26 -7.53 -6.35 -4.78
CA THR A 26 -8.01 -6.57 -6.13
C THR A 26 -9.54 -6.64 -6.17
N ASP A 27 -10.19 -5.49 -6.04
CA ASP A 27 -11.63 -5.40 -6.22
C ASP A 27 -11.99 -4.16 -7.03
N VAL A 28 -12.76 -4.37 -8.08
CA VAL A 28 -13.27 -3.28 -8.92
C VAL A 28 -14.19 -2.37 -8.11
N ASP A 29 -14.78 -2.94 -7.07
CA ASP A 29 -15.78 -2.26 -6.25
C ASP A 29 -15.28 -0.92 -5.71
N ARG A 30 -14.07 -0.93 -5.17
CA ARG A 30 -13.48 0.28 -4.59
C ARG A 30 -13.39 1.42 -5.61
N ARG A 31 -13.08 1.06 -6.85
CA ARG A 31 -12.93 2.05 -7.92
C ARG A 31 -14.27 2.73 -8.22
N ILE A 32 -15.25 1.92 -8.60
CA ILE A 32 -16.58 2.43 -8.92
C ILE A 32 -17.22 3.13 -7.72
N LYS A 33 -16.96 2.59 -6.52
CA LYS A 33 -17.50 3.18 -5.29
C LYS A 33 -17.04 4.62 -5.13
N LYS A 34 -15.76 4.86 -5.39
CA LYS A 34 -15.21 6.21 -5.30
C LYS A 34 -15.91 7.15 -6.26
N HIS A 35 -16.15 6.68 -7.48
CA HIS A 35 -16.82 7.49 -8.50
C HIS A 35 -18.27 7.76 -8.10
N ALA A 36 -18.95 6.72 -7.63
CA ALA A 36 -20.33 6.84 -7.16
C ALA A 36 -20.43 7.80 -5.97
N SER A 37 -19.50 7.67 -5.03
CA SER A 37 -19.51 8.49 -3.82
C SER A 37 -19.16 9.93 -4.14
N GLY A 38 -18.30 10.13 -5.13
CA GLY A 38 -17.83 11.46 -5.48
C GLY A 38 -18.95 12.41 -5.84
N LYS A 39 -20.08 11.85 -6.27
CA LYS A 39 -21.26 12.65 -6.58
C LYS A 39 -21.82 13.29 -5.30
N GLY A 40 -21.37 14.50 -5.03
CA GLY A 40 -21.83 15.22 -3.85
C GLY A 40 -21.02 14.90 -2.61
N ALA A 41 -19.73 14.62 -2.79
CA ALA A 41 -18.85 14.34 -1.65
C ALA A 41 -17.45 14.90 -1.89
N LYS A 42 -16.65 14.95 -0.84
CA LYS A 42 -15.31 15.52 -0.93
C LYS A 42 -14.24 14.43 -0.75
N TYR A 43 -13.03 14.73 -1.21
CA TYR A 43 -11.88 13.82 -1.16
C TYR A 43 -11.56 13.37 0.27
N THR A 44 -11.77 14.27 1.23
CA THR A 44 -11.39 14.02 2.61
C THR A 44 -12.09 12.81 3.22
N ARG A 45 -11.34 11.75 3.48
CA ARG A 45 -11.86 10.57 4.17
C ARG A 45 -10.72 9.73 4.74
N GLY A 46 -10.72 9.59 6.06
CA GLY A 46 -9.67 8.82 6.72
C GLY A 46 -9.51 9.24 8.16
N ARG A 47 -8.74 8.48 8.94
CA ARG A 47 -8.48 8.81 10.34
C ARG A 47 -7.21 8.14 10.84
N GLY A 48 -7.10 6.85 10.57
CA GLY A 48 -5.96 6.08 11.04
C GLY A 48 -6.40 4.71 11.52
N PRO A 49 -5.49 3.92 12.13
CA PRO A 49 -4.09 4.29 12.31
C PRO A 49 -3.22 3.77 11.17
N PHE A 50 -3.87 3.44 10.06
CA PHE A 50 -3.17 2.90 8.91
C PHE A 50 -2.48 4.00 8.11
N ARG A 51 -1.16 4.04 8.22
CA ARG A 51 -0.38 5.05 7.50
C ARG A 51 0.08 4.48 6.16
N LEU A 52 -0.42 5.05 5.08
CA LEU A 52 -0.02 4.62 3.75
C LEU A 52 1.40 5.07 3.45
N VAL A 53 2.29 4.11 3.27
CA VAL A 53 3.67 4.42 2.94
C VAL A 53 3.84 4.58 1.43
N ALA A 54 3.28 3.63 0.69
CA ALA A 54 3.31 3.66 -0.77
C ALA A 54 2.29 2.70 -1.34
N THR A 55 2.09 2.77 -2.65
CA THR A 55 1.17 1.89 -3.34
C THR A 55 1.76 1.45 -4.67
N TRP A 56 1.78 0.16 -4.92
CA TRP A 56 2.33 -0.38 -6.15
C TRP A 56 1.25 -1.03 -6.99
N ALA A 57 0.98 -0.46 -8.15
CA ALA A 57 -0.06 -0.98 -9.05
C ALA A 57 0.58 -1.76 -10.19
N PHE A 58 0.13 -3.00 -10.37
CA PHE A 58 0.66 -3.85 -11.44
C PHE A 58 -0.48 -4.37 -12.31
N PRO A 59 -0.43 -4.06 -13.61
CA PRO A 59 -1.39 -4.57 -14.58
C PRO A 59 -1.15 -6.04 -14.88
N SER A 60 -0.03 -6.56 -14.38
CA SER A 60 0.35 -7.94 -14.64
C SER A 60 -0.04 -8.84 -13.47
N LYS A 61 -0.60 -10.00 -13.80
CA LYS A 61 -1.01 -10.99 -12.80
C LYS A 61 0.17 -11.48 -11.96
N GLU A 62 1.17 -12.03 -12.64
CA GLU A 62 2.28 -12.68 -11.97
C GLU A 62 3.09 -11.68 -11.16
N GLU A 63 3.26 -10.48 -11.68
CA GLU A 63 4.03 -9.45 -11.00
C GLU A 63 3.39 -9.08 -9.67
N ALA A 64 2.07 -9.05 -9.64
CA ALA A 64 1.35 -8.75 -8.41
C ALA A 64 1.53 -9.86 -7.39
N MET A 65 1.42 -11.10 -7.86
CA MET A 65 1.53 -12.27 -6.99
C MET A 65 2.95 -12.42 -6.46
N ARG A 66 3.93 -12.22 -7.32
CA ARG A 66 5.33 -12.41 -6.94
C ARG A 66 5.81 -11.27 -6.04
N TRP A 67 5.32 -10.07 -6.28
CA TRP A 67 5.72 -8.92 -5.48
C TRP A 67 5.28 -9.12 -4.03
N GLU A 68 3.99 -9.41 -3.85
CA GLU A 68 3.43 -9.75 -2.54
C GLU A 68 4.25 -10.86 -1.89
N TYR A 69 4.39 -11.94 -2.62
CA TYR A 69 5.09 -13.13 -2.16
C TYR A 69 6.53 -12.83 -1.74
N GLU A 70 7.20 -11.96 -2.47
CA GLU A 70 8.60 -11.64 -2.18
C GLU A 70 8.74 -10.71 -0.99
N VAL A 71 7.81 -9.78 -0.82
CA VAL A 71 7.86 -8.90 0.33
C VAL A 71 7.50 -9.68 1.61
N LYS A 72 6.71 -10.73 1.43
CA LYS A 72 6.45 -11.68 2.50
C LYS A 72 7.70 -12.53 2.76
N HIS A 73 8.51 -12.70 1.71
CA HIS A 73 9.72 -13.51 1.75
C HIS A 73 10.87 -12.79 2.46
N LEU A 74 11.09 -11.53 2.08
CA LEU A 74 12.25 -10.78 2.54
C LEU A 74 12.15 -10.41 4.01
N SER A 75 13.31 -10.30 4.65
CA SER A 75 13.39 -9.96 6.06
C SER A 75 13.16 -8.46 6.27
N ARG A 76 13.18 -8.02 7.52
CA ARG A 76 12.95 -6.62 7.86
C ARG A 76 13.96 -5.71 7.21
N ARG A 77 15.23 -6.12 7.20
CA ARG A 77 16.30 -5.30 6.64
C ARG A 77 16.04 -4.97 5.17
N LYS A 78 15.59 -5.97 4.42
CA LYS A 78 15.32 -5.78 3.00
C LYS A 78 13.98 -5.08 2.81
N LYS A 79 13.08 -5.29 3.77
CA LYS A 79 11.78 -4.62 3.77
C LYS A 79 11.99 -3.11 3.89
N GLU A 80 12.94 -2.72 4.73
CA GLU A 80 13.32 -1.33 4.88
C GLU A 80 13.93 -0.81 3.59
N GLN A 81 14.81 -1.61 2.99
CA GLN A 81 15.48 -1.24 1.74
C GLN A 81 14.48 -1.00 0.63
N LEU A 82 13.43 -1.81 0.63
CA LEU A 82 12.37 -1.71 -0.36
C LEU A 82 11.74 -0.32 -0.32
N VAL A 83 11.46 0.15 0.88
CA VAL A 83 10.87 1.48 1.07
C VAL A 83 11.92 2.56 0.83
N SER A 84 13.18 2.21 1.06
CA SER A 84 14.28 3.14 0.82
C SER A 84 14.45 3.39 -0.68
N LEU A 85 13.99 2.45 -1.49
CA LEU A 85 14.02 2.60 -2.94
C LEU A 85 12.92 3.53 -3.40
N LYS A 86 11.76 3.42 -2.76
CA LYS A 86 10.61 4.25 -3.08
C LYS A 86 9.61 4.19 -1.94
N GLY A 87 9.33 5.34 -1.35
CA GLY A 87 8.45 5.40 -0.21
C GLY A 87 8.98 6.36 0.84
N GLY A 88 10.27 6.69 0.69
CA GLY A 88 10.94 7.75 1.47
C GLY A 88 10.01 8.83 2.01
N PRO A 89 10.33 9.37 3.19
CA PRO A 89 9.48 10.38 3.86
C PRO A 89 9.20 11.59 2.99
N TYR A 90 10.10 11.90 2.05
CA TYR A 90 9.91 13.03 1.15
C TYR A 90 8.82 12.71 0.13
N GLU A 91 8.71 11.44 -0.22
CA GLU A 91 7.73 11.00 -1.21
C GLU A 91 6.33 10.89 -0.58
N ASN A 92 6.28 11.04 0.74
CA ASN A 92 5.01 10.99 1.46
C ASN A 92 4.19 12.23 1.13
N THR A 93 4.88 13.38 1.05
CA THR A 93 4.27 14.68 0.72
C THR A 93 3.00 14.94 1.52
N THR A 94 3.01 14.50 2.78
CA THR A 94 1.84 14.63 3.65
C THR A 94 1.55 16.09 3.99
N LYS A 95 2.44 16.70 4.79
CA LYS A 95 2.28 18.09 5.21
C LYS A 95 3.54 18.56 5.92
N LEU A 96 3.80 17.96 7.07
CA LEU A 96 4.93 18.32 7.93
C LEU A 96 4.83 19.78 8.39
N SER A 97 5.33 20.69 7.58
CA SER A 97 5.28 22.11 7.91
C SER A 97 5.40 22.95 6.64
N THR A 98 5.27 22.30 5.50
CA THR A 98 5.44 22.96 4.22
C THR A 98 4.11 23.47 3.68
N THR A 99 4.09 24.71 3.22
CA THR A 99 2.89 25.27 2.64
C THR A 99 3.00 25.25 1.11
N MET A 6 -7.43 -6.67 -14.58
CA MET A 6 -7.63 -5.81 -13.44
C MET A 6 -6.30 -5.47 -12.78
N ASN A 7 -6.21 -4.30 -12.18
CA ASN A 7 -4.97 -3.86 -11.56
C ASN A 7 -4.83 -4.48 -10.18
N HIS A 8 -3.70 -5.13 -9.95
CA HIS A 8 -3.40 -5.74 -8.66
C HIS A 8 -2.63 -4.74 -7.81
N TYR A 9 -3.20 -4.39 -6.67
CA TYR A 9 -2.65 -3.34 -5.83
C TYR A 9 -1.89 -3.92 -4.64
N VAL A 10 -0.66 -3.49 -4.46
CA VAL A 10 0.13 -3.87 -3.29
C VAL A 10 0.29 -2.65 -2.40
N TYR A 11 -0.40 -2.65 -1.26
CA TYR A 11 -0.36 -1.48 -0.38
C TYR A 11 0.33 -1.81 0.94
N ILE A 12 1.28 -0.96 1.32
CA ILE A 12 1.98 -1.09 2.58
C ILE A 12 1.47 -0.05 3.57
N LEU A 13 0.85 -0.51 4.64
CA LEU A 13 0.29 0.36 5.66
C LEU A 13 1.07 0.23 6.96
N GLU A 14 1.53 1.36 7.46
CA GLU A 14 2.30 1.40 8.68
C GLU A 14 1.39 1.57 9.89
N CYS A 15 1.38 0.56 10.74
CA CYS A 15 0.50 0.56 11.90
C CYS A 15 1.17 1.19 13.11
N LYS A 16 0.41 1.24 14.21
CA LYS A 16 0.88 1.80 15.49
C LYS A 16 2.19 1.19 15.94
N ASP A 17 2.34 -0.10 15.67
CA ASP A 17 3.51 -0.87 16.09
C ASP A 17 4.76 -0.45 15.33
N GLY A 18 4.57 0.30 14.25
CA GLY A 18 5.67 0.56 13.34
C GLY A 18 5.86 -0.60 12.40
N SER A 19 4.89 -1.50 12.44
CA SER A 19 4.89 -2.69 11.61
C SER A 19 4.12 -2.42 10.33
N TRP A 20 4.60 -2.96 9.21
CA TRP A 20 3.99 -2.67 7.92
C TRP A 20 3.13 -3.84 7.46
N TYR A 21 1.88 -3.53 7.16
CA TYR A 21 0.96 -4.52 6.64
C TYR A 21 1.02 -4.53 5.12
N THR A 22 1.32 -5.68 4.55
CA THR A 22 1.43 -5.80 3.11
C THR A 22 0.10 -6.34 2.56
N GLY A 23 -0.72 -5.44 2.06
CA GLY A 23 -2.02 -5.82 1.57
C GLY A 23 -2.04 -6.03 0.07
N TYR A 24 -2.87 -6.97 -0.36
CA TYR A 24 -2.99 -7.29 -1.77
C TYR A 24 -4.47 -7.42 -2.15
N THR A 25 -4.88 -6.63 -3.14
CA THR A 25 -6.22 -6.72 -3.68
C THR A 25 -6.16 -6.35 -5.17
N THR A 26 -7.19 -6.71 -5.92
CA THR A 26 -7.23 -6.36 -7.33
C THR A 26 -8.67 -6.28 -7.82
N ASP A 27 -9.22 -5.08 -7.72
CA ASP A 27 -10.62 -4.86 -8.05
C ASP A 27 -10.81 -3.59 -8.86
N VAL A 28 -11.71 -3.67 -9.84
CA VAL A 28 -12.17 -2.49 -10.57
C VAL A 28 -12.94 -1.54 -9.64
N ASP A 29 -13.27 -2.03 -8.44
CA ASP A 29 -14.12 -1.29 -7.51
C ASP A 29 -13.38 -0.07 -6.99
N ARG A 30 -12.09 -0.21 -6.71
CA ARG A 30 -11.24 0.91 -6.34
C ARG A 30 -11.33 2.04 -7.38
N ARG A 31 -11.40 1.64 -8.65
CA ARG A 31 -11.50 2.60 -9.75
C ARG A 31 -12.82 3.36 -9.71
N ILE A 32 -13.93 2.63 -9.70
CA ILE A 32 -15.25 3.25 -9.68
C ILE A 32 -15.44 4.09 -8.41
N LYS A 33 -14.81 3.67 -7.30
CA LYS A 33 -14.84 4.45 -6.07
C LYS A 33 -14.22 5.82 -6.26
N LYS A 34 -13.12 5.87 -7.01
CA LYS A 34 -12.48 7.14 -7.33
C LYS A 34 -13.46 8.08 -8.03
N HIS A 35 -14.19 7.53 -8.99
CA HIS A 35 -15.19 8.29 -9.72
C HIS A 35 -16.35 8.68 -8.82
N ALA A 36 -16.90 7.69 -8.12
CA ALA A 36 -18.05 7.91 -7.24
C ALA A 36 -17.75 8.90 -6.12
N SER A 37 -16.56 8.78 -5.55
CA SER A 37 -16.16 9.64 -4.44
C SER A 37 -15.80 11.03 -4.93
N GLY A 38 -15.46 11.14 -6.22
CA GLY A 38 -15.02 12.39 -6.78
C GLY A 38 -16.04 13.51 -6.69
N LYS A 39 -17.30 13.16 -6.40
CA LYS A 39 -18.34 14.17 -6.21
C LYS A 39 -18.00 15.07 -5.02
N GLY A 40 -17.69 14.44 -3.89
CA GLY A 40 -17.28 15.18 -2.72
C GLY A 40 -15.77 15.32 -2.65
N ALA A 41 -15.10 14.44 -3.41
CA ALA A 41 -13.64 14.46 -3.57
C ALA A 41 -12.90 13.95 -2.33
N LYS A 42 -13.37 14.34 -1.16
CA LYS A 42 -12.67 14.02 0.08
C LYS A 42 -13.64 13.83 1.23
N TYR A 43 -13.15 13.25 2.31
CA TYR A 43 -13.86 13.24 3.57
C TYR A 43 -12.85 13.20 4.70
N THR A 44 -12.85 14.25 5.53
CA THR A 44 -11.83 14.45 6.55
C THR A 44 -11.67 13.21 7.44
N ARG A 45 -12.63 13.01 8.36
CA ARG A 45 -12.65 11.85 9.25
C ARG A 45 -11.26 11.55 9.83
N GLY A 46 -10.85 10.30 9.73
CA GLY A 46 -9.56 9.88 10.23
C GLY A 46 -9.26 8.44 9.85
N ARG A 47 -9.64 7.52 10.75
CA ARG A 47 -9.46 6.08 10.53
C ARG A 47 -7.99 5.70 10.53
N GLY A 48 -7.54 5.13 11.64
CA GLY A 48 -6.14 4.75 11.75
C GLY A 48 -5.92 3.75 12.87
N PRO A 49 -4.66 3.60 13.33
CA PRO A 49 -3.52 4.31 12.79
C PRO A 49 -2.85 3.57 11.64
N PHE A 50 -3.08 4.06 10.43
CA PHE A 50 -2.50 3.46 9.24
C PHE A 50 -1.81 4.51 8.40
N ARG A 51 -0.50 4.58 8.48
CA ARG A 51 0.26 5.52 7.66
C ARG A 51 0.75 4.81 6.41
N LEU A 52 0.22 5.21 5.27
CA LEU A 52 0.57 4.56 4.02
C LEU A 52 2.01 4.85 3.64
N VAL A 53 2.80 3.79 3.54
CA VAL A 53 4.22 3.91 3.20
C VAL A 53 4.39 3.94 1.69
N ALA A 54 3.85 2.93 1.02
CA ALA A 54 3.90 2.87 -0.44
C ALA A 54 2.76 2.01 -0.97
N THR A 55 2.49 2.14 -2.26
CA THR A 55 1.43 1.38 -2.90
C THR A 55 1.73 1.20 -4.39
N TRP A 56 1.67 -0.03 -4.86
CA TRP A 56 1.96 -0.35 -6.24
C TRP A 56 0.75 -0.96 -6.93
N ALA A 57 0.71 -0.88 -8.25
CA ALA A 57 -0.39 -1.46 -9.02
C ALA A 57 0.14 -2.14 -10.28
N PHE A 58 0.03 -3.46 -10.32
CA PHE A 58 0.47 -4.24 -11.47
C PHE A 58 -0.72 -4.95 -12.11
N PRO A 59 -0.88 -4.80 -13.44
CA PRO A 59 -1.97 -5.45 -14.17
C PRO A 59 -1.75 -6.96 -14.32
N SER A 60 -0.52 -7.40 -14.08
CA SER A 60 -0.15 -8.79 -14.28
C SER A 60 -0.48 -9.62 -13.04
N LYS A 61 -1.26 -10.68 -13.24
CA LYS A 61 -1.67 -11.56 -12.14
C LYS A 61 -0.46 -12.22 -11.48
N GLU A 62 0.35 -12.88 -12.30
CA GLU A 62 1.48 -13.65 -11.81
C GLU A 62 2.53 -12.76 -11.19
N GLU A 63 2.67 -11.55 -11.72
CA GLU A 63 3.67 -10.61 -11.23
C GLU A 63 3.31 -10.14 -9.83
N ALA A 64 2.03 -9.85 -9.62
CA ALA A 64 1.55 -9.42 -8.32
C ALA A 64 1.59 -10.56 -7.31
N MET A 65 1.30 -11.77 -7.77
CA MET A 65 1.35 -12.95 -6.92
C MET A 65 2.77 -13.17 -6.40
N ARG A 66 3.73 -13.10 -7.31
CA ARG A 66 5.14 -13.17 -6.96
C ARG A 66 5.51 -12.04 -6.02
N TRP A 67 5.03 -10.86 -6.35
CA TRP A 67 5.37 -9.65 -5.60
C TRP A 67 4.99 -9.78 -4.12
N GLU A 68 3.71 -10.02 -3.85
CA GLU A 68 3.24 -10.12 -2.46
C GLU A 68 4.02 -11.18 -1.71
N TYR A 69 4.05 -12.38 -2.29
CA TYR A 69 4.71 -13.53 -1.67
C TYR A 69 6.17 -13.22 -1.34
N GLU A 70 6.92 -12.74 -2.32
CA GLU A 70 8.34 -12.47 -2.12
C GLU A 70 8.55 -11.38 -1.08
N VAL A 71 7.79 -10.31 -1.16
CA VAL A 71 7.89 -9.21 -0.20
C VAL A 71 7.50 -9.69 1.20
N LYS A 72 6.52 -10.57 1.25
CA LYS A 72 6.06 -11.15 2.50
C LYS A 72 7.21 -11.80 3.28
N HIS A 73 8.09 -12.52 2.58
CA HIS A 73 9.23 -13.16 3.24
C HIS A 73 10.53 -12.36 3.06
N LEU A 74 10.43 -11.15 2.51
CA LEU A 74 11.62 -10.30 2.38
C LEU A 74 12.20 -9.95 3.74
N SER A 75 13.50 -9.68 3.75
CA SER A 75 14.20 -9.35 4.99
C SER A 75 13.88 -7.92 5.43
N ARG A 76 14.19 -7.60 6.68
CA ARG A 76 13.98 -6.25 7.21
C ARG A 76 14.70 -5.22 6.35
N ARG A 77 15.88 -5.58 5.86
CA ARG A 77 16.66 -4.68 5.02
C ARG A 77 15.96 -4.47 3.68
N LYS A 78 15.44 -5.54 3.11
CA LYS A 78 14.72 -5.46 1.84
C LYS A 78 13.43 -4.68 2.00
N LYS A 79 12.75 -4.90 3.13
CA LYS A 79 11.53 -4.18 3.43
C LYS A 79 11.81 -2.70 3.59
N GLU A 80 12.92 -2.37 4.24
CA GLU A 80 13.30 -0.97 4.42
C GLU A 80 13.66 -0.35 3.06
N GLN A 81 14.24 -1.16 2.17
CA GLN A 81 14.54 -0.72 0.80
C GLN A 81 13.25 -0.38 0.06
N LEU A 82 12.24 -1.22 0.24
CA LEU A 82 10.94 -0.98 -0.37
C LEU A 82 10.24 0.21 0.29
N VAL A 83 10.59 0.45 1.55
CA VAL A 83 10.04 1.57 2.31
C VAL A 83 10.84 2.85 2.06
N SER A 84 11.91 2.74 1.29
CA SER A 84 12.70 3.90 0.90
C SER A 84 11.92 4.75 -0.11
N LEU A 85 10.69 4.36 -0.37
CA LEU A 85 9.78 5.10 -1.23
C LEU A 85 8.67 5.71 -0.38
N LYS A 86 8.89 5.71 0.94
CA LYS A 86 7.96 6.25 1.92
C LYS A 86 7.38 7.61 1.51
N GLY A 87 6.06 7.64 1.42
CA GLY A 87 5.37 8.85 1.04
C GLY A 87 4.32 8.55 0.00
N GLY A 88 4.69 7.65 -0.92
CA GLY A 88 3.80 7.20 -1.97
C GLY A 88 3.03 8.32 -2.65
N PRO A 89 1.79 8.03 -3.09
CA PRO A 89 0.90 9.00 -3.69
C PRO A 89 -0.13 9.55 -2.69
N TYR A 90 -1.17 10.18 -3.22
CA TYR A 90 -2.26 10.70 -2.41
C TYR A 90 -3.37 9.65 -2.29
N GLU A 91 -3.02 8.55 -1.63
CA GLU A 91 -3.90 7.39 -1.53
C GLU A 91 -4.94 7.53 -0.41
N ASN A 92 -4.83 6.68 0.61
CA ASN A 92 -5.91 6.47 1.58
C ASN A 92 -7.21 6.12 0.84
N THR A 93 -7.08 5.36 -0.26
CA THR A 93 -8.25 4.98 -1.04
C THR A 93 -8.31 3.48 -1.29
N THR A 94 -7.15 2.82 -1.31
CA THR A 94 -7.09 1.39 -1.58
C THR A 94 -7.61 0.56 -0.39
N LYS A 95 -8.93 0.55 -0.25
CA LYS A 95 -9.64 -0.28 0.71
C LYS A 95 -11.13 -0.19 0.38
N LEU A 96 -11.40 0.07 -0.90
CA LEU A 96 -12.74 0.38 -1.39
C LEU A 96 -13.23 1.69 -0.76
N SER A 97 -13.69 1.59 0.48
CA SER A 97 -14.13 2.73 1.27
C SER A 97 -14.46 2.26 2.67
N THR A 98 -13.83 1.15 3.06
CA THR A 98 -14.09 0.49 4.34
C THR A 98 -15.52 -0.05 4.40
N THR A 99 -16.47 0.84 4.68
CA THR A 99 -17.88 0.50 4.68
C THR A 99 -18.63 1.58 3.90
N MET A 6 -8.20 -5.60 -14.35
CA MET A 6 -8.31 -5.25 -12.93
C MET A 6 -6.98 -4.73 -12.40
N ASN A 7 -7.01 -3.52 -11.87
CA ASN A 7 -5.80 -2.86 -11.37
C ASN A 7 -5.30 -3.54 -10.10
N HIS A 8 -4.05 -3.97 -10.15
CA HIS A 8 -3.43 -4.66 -9.02
C HIS A 8 -2.55 -3.69 -8.25
N TYR A 9 -3.04 -3.23 -7.11
CA TYR A 9 -2.28 -2.32 -6.25
C TYR A 9 -1.79 -3.04 -5.01
N VAL A 10 -0.50 -2.93 -4.74
CA VAL A 10 0.06 -3.49 -3.52
C VAL A 10 0.31 -2.36 -2.54
N TYR A 11 -0.55 -2.22 -1.56
CA TYR A 11 -0.40 -1.16 -0.57
C TYR A 11 0.14 -1.74 0.72
N ILE A 12 1.20 -1.14 1.24
CA ILE A 12 1.74 -1.58 2.51
C ILE A 12 1.40 -0.54 3.57
N LEU A 13 0.53 -0.92 4.49
CA LEU A 13 0.06 -0.01 5.52
C LEU A 13 0.93 -0.15 6.76
N GLU A 14 1.21 0.95 7.41
CA GLU A 14 1.85 0.89 8.70
C GLU A 14 0.76 0.84 9.73
N CYS A 15 0.76 -0.19 10.56
CA CYS A 15 -0.31 -0.40 11.51
C CYS A 15 0.11 0.03 12.91
N LYS A 16 -0.88 0.14 13.80
CA LYS A 16 -0.63 0.56 15.18
C LYS A 16 0.31 -0.42 15.90
N ASP A 17 0.42 -1.63 15.36
CA ASP A 17 1.22 -2.68 15.98
C ASP A 17 2.67 -2.58 15.53
N GLY A 18 2.95 -1.64 14.64
CA GLY A 18 4.29 -1.46 14.12
C GLY A 18 4.56 -2.39 12.95
N SER A 19 3.57 -3.19 12.59
CA SER A 19 3.70 -4.15 11.51
C SER A 19 3.28 -3.51 10.19
N TRP A 20 4.15 -3.60 9.20
CA TRP A 20 3.80 -3.16 7.86
C TRP A 20 2.97 -4.24 7.17
N TYR A 21 1.74 -3.89 6.83
CA TYR A 21 0.81 -4.83 6.25
C TYR A 21 0.83 -4.74 4.72
N THR A 22 1.42 -5.73 4.10
CA THR A 22 1.48 -5.79 2.65
C THR A 22 0.16 -6.33 2.10
N GLY A 23 -0.69 -5.41 1.64
CA GLY A 23 -2.00 -5.80 1.17
C GLY A 23 -2.12 -5.79 -0.33
N TYR A 24 -2.78 -6.80 -0.87
CA TYR A 24 -2.96 -6.92 -2.31
C TYR A 24 -4.38 -6.49 -2.70
N THR A 25 -4.47 -5.37 -3.42
CA THR A 25 -5.76 -4.83 -3.83
C THR A 25 -5.98 -5.03 -5.32
N THR A 26 -7.14 -5.57 -5.67
CA THR A 26 -7.58 -5.69 -7.04
C THR A 26 -9.08 -5.48 -7.11
N ASP A 27 -9.50 -4.23 -6.91
CA ASP A 27 -10.92 -3.89 -6.86
C ASP A 27 -11.17 -2.64 -7.66
N VAL A 28 -12.10 -2.70 -8.61
CA VAL A 28 -12.48 -1.52 -9.37
C VAL A 28 -13.08 -0.47 -8.44
N ASP A 29 -13.92 -0.94 -7.52
CA ASP A 29 -14.62 -0.08 -6.57
C ASP A 29 -13.63 0.69 -5.69
N ARG A 30 -12.55 0.03 -5.30
CA ARG A 30 -11.49 0.67 -4.52
C ARG A 30 -10.96 1.89 -5.23
N ARG A 31 -10.64 1.71 -6.50
CA ARG A 31 -9.97 2.74 -7.26
C ARG A 31 -10.89 3.94 -7.52
N ILE A 32 -12.08 3.67 -8.03
CA ILE A 32 -13.02 4.73 -8.40
C ILE A 32 -13.45 5.57 -7.19
N LYS A 33 -13.94 4.91 -6.13
CA LYS A 33 -14.45 5.62 -4.96
C LYS A 33 -13.37 6.46 -4.28
N LYS A 34 -12.21 5.86 -4.03
CA LYS A 34 -11.13 6.56 -3.37
C LYS A 34 -10.68 7.77 -4.19
N HIS A 35 -10.77 7.64 -5.51
CA HIS A 35 -10.43 8.73 -6.42
C HIS A 35 -11.40 9.90 -6.25
N ALA A 36 -12.69 9.58 -6.32
CA ALA A 36 -13.75 10.58 -6.16
C ALA A 36 -13.69 11.24 -4.79
N SER A 37 -13.33 10.45 -3.78
CA SER A 37 -13.22 10.96 -2.42
C SER A 37 -12.04 11.91 -2.29
N GLY A 38 -11.02 11.68 -3.11
CA GLY A 38 -9.85 12.52 -3.10
C GLY A 38 -10.16 13.89 -3.67
N LYS A 39 -10.49 13.92 -4.96
CA LYS A 39 -10.93 15.14 -5.65
C LYS A 39 -10.01 16.34 -5.35
N GLY A 40 -10.42 17.18 -4.40
CA GLY A 40 -9.61 18.32 -4.01
C GLY A 40 -8.88 18.06 -2.70
N ALA A 41 -7.56 18.12 -2.74
CA ALA A 41 -6.75 17.81 -1.58
C ALA A 41 -6.11 19.06 -0.97
N LYS A 42 -6.76 19.58 0.06
CA LYS A 42 -6.18 20.65 0.88
C LYS A 42 -6.34 20.29 2.35
N TYR A 43 -6.44 18.99 2.61
CA TYR A 43 -6.72 18.51 3.96
C TYR A 43 -5.53 17.77 4.55
N THR A 44 -5.73 17.21 5.72
CA THR A 44 -4.69 16.50 6.43
C THR A 44 -5.36 15.65 7.52
N ARG A 45 -4.57 15.19 8.49
CA ARG A 45 -5.06 14.39 9.61
C ARG A 45 -5.46 12.98 9.15
N GLY A 46 -5.75 12.12 10.10
CA GLY A 46 -6.22 10.79 9.79
C GLY A 46 -7.22 10.29 10.80
N ARG A 47 -8.18 9.49 10.34
CA ARG A 47 -9.18 8.91 11.23
C ARG A 47 -8.54 7.91 12.18
N GLY A 48 -7.65 7.09 11.64
CA GLY A 48 -6.94 6.13 12.46
C GLY A 48 -7.26 4.70 12.08
N PRO A 49 -6.59 3.73 12.72
CA PRO A 49 -5.55 3.99 13.72
C PRO A 49 -4.23 4.43 13.08
N PHE A 50 -3.96 3.94 11.88
CA PHE A 50 -2.69 4.14 11.22
C PHE A 50 -2.88 4.23 9.70
N ARG A 51 -1.78 4.31 8.94
CA ARG A 51 -1.88 4.79 7.56
C ARG A 51 -0.93 4.08 6.61
N LEU A 52 -0.99 4.49 5.34
CA LEU A 52 -0.25 3.87 4.25
C LEU A 52 1.23 4.31 4.25
N VAL A 53 2.09 3.42 3.80
CA VAL A 53 3.52 3.73 3.69
C VAL A 53 3.93 3.81 2.22
N ALA A 54 3.64 2.76 1.47
CA ALA A 54 3.99 2.71 0.06
C ALA A 54 2.99 1.89 -0.72
N THR A 55 3.03 1.99 -2.05
CA THR A 55 2.11 1.27 -2.91
C THR A 55 2.75 1.02 -4.27
N TRP A 56 2.56 -0.19 -4.79
CA TRP A 56 3.10 -0.56 -6.09
C TRP A 56 1.97 -1.10 -6.97
N ALA A 57 2.22 -1.20 -8.26
CA ALA A 57 1.22 -1.69 -9.20
C ALA A 57 1.85 -2.59 -10.25
N PHE A 58 1.21 -3.73 -10.50
CA PHE A 58 1.70 -4.67 -11.50
C PHE A 58 0.57 -5.09 -12.44
N PRO A 59 0.82 -5.05 -13.75
CA PRO A 59 -0.19 -5.40 -14.76
C PRO A 59 -0.57 -6.88 -14.73
N SER A 60 0.30 -7.71 -14.19
CA SER A 60 0.07 -9.16 -14.22
C SER A 60 -0.03 -9.73 -12.82
N LYS A 61 -1.05 -10.55 -12.60
CA LYS A 61 -1.24 -11.21 -11.32
C LYS A 61 -0.07 -12.13 -11.00
N GLU A 62 0.56 -12.68 -12.04
CA GLU A 62 1.68 -13.58 -11.88
C GLU A 62 2.84 -12.88 -11.18
N GLU A 63 3.18 -11.71 -11.69
CA GLU A 63 4.25 -10.91 -11.13
C GLU A 63 3.88 -10.45 -9.73
N ALA A 64 2.62 -10.11 -9.55
CA ALA A 64 2.12 -9.63 -8.26
C ALA A 64 2.23 -10.70 -7.18
N MET A 65 1.84 -11.93 -7.51
CA MET A 65 1.84 -13.02 -6.54
C MET A 65 3.25 -13.37 -6.08
N ARG A 66 4.18 -13.43 -7.03
CA ARG A 66 5.57 -13.73 -6.70
C ARG A 66 6.18 -12.58 -5.91
N TRP A 67 5.85 -11.37 -6.33
CA TRP A 67 6.33 -10.15 -5.71
C TRP A 67 6.00 -10.12 -4.20
N GLU A 68 4.72 -10.23 -3.89
CA GLU A 68 4.24 -10.17 -2.51
C GLU A 68 4.89 -11.24 -1.66
N TYR A 69 4.94 -12.44 -2.21
CA TYR A 69 5.57 -13.57 -1.54
C TYR A 69 7.01 -13.24 -1.18
N GLU A 70 7.74 -12.65 -2.14
CA GLU A 70 9.11 -12.24 -1.91
C GLU A 70 9.19 -11.18 -0.82
N VAL A 71 8.31 -10.18 -0.88
CA VAL A 71 8.28 -9.11 0.12
C VAL A 71 8.00 -9.69 1.52
N LYS A 72 7.12 -10.67 1.55
CA LYS A 72 6.77 -11.36 2.79
C LYS A 72 7.99 -12.09 3.35
N HIS A 73 8.92 -12.43 2.46
CA HIS A 73 10.15 -13.10 2.84
C HIS A 73 11.33 -12.14 2.90
N LEU A 74 11.08 -10.84 2.75
CA LEU A 74 12.15 -9.85 2.74
C LEU A 74 12.59 -9.50 4.16
N SER A 75 13.88 -9.27 4.32
CA SER A 75 14.45 -8.88 5.61
C SER A 75 14.15 -7.42 5.89
N ARG A 76 14.52 -6.93 7.07
CA ARG A 76 14.25 -5.54 7.43
C ARG A 76 14.88 -4.59 6.42
N ARG A 77 16.13 -4.88 6.05
CA ARG A 77 16.90 -4.01 5.17
C ARG A 77 16.28 -3.92 3.79
N LYS A 78 15.54 -4.96 3.41
CA LYS A 78 14.92 -5.00 2.10
C LYS A 78 13.56 -4.32 2.13
N LYS A 79 12.83 -4.52 3.22
CA LYS A 79 11.55 -3.83 3.41
C LYS A 79 11.79 -2.34 3.57
N GLU A 80 12.82 -1.99 4.33
CA GLU A 80 13.23 -0.60 4.51
C GLU A 80 13.73 -0.03 3.18
N GLN A 81 14.37 -0.86 2.37
CA GLN A 81 14.82 -0.46 1.05
C GLN A 81 13.61 -0.10 0.18
N LEU A 82 12.64 -1.00 0.15
CA LEU A 82 11.42 -0.81 -0.63
C LEU A 82 10.69 0.46 -0.22
N VAL A 83 10.65 0.73 1.09
CA VAL A 83 9.97 1.90 1.62
C VAL A 83 10.76 3.18 1.39
N SER A 84 12.05 3.14 1.74
CA SER A 84 12.90 4.32 1.61
C SER A 84 13.13 4.65 0.13
N LEU A 85 12.82 3.70 -0.73
CA LEU A 85 12.91 3.90 -2.17
C LEU A 85 11.81 4.83 -2.64
N LYS A 86 10.58 4.57 -2.20
CA LYS A 86 9.46 5.39 -2.62
C LYS A 86 9.46 6.72 -1.86
N GLY A 87 8.80 7.72 -2.42
CA GLY A 87 8.68 9.00 -1.74
C GLY A 87 7.41 9.07 -0.91
N GLY A 88 6.99 7.92 -0.40
CA GLY A 88 5.76 7.83 0.36
C GLY A 88 4.53 8.22 -0.43
N PRO A 89 3.35 8.13 0.18
CA PRO A 89 2.11 8.62 -0.40
C PRO A 89 1.77 10.02 0.10
N TYR A 90 0.74 10.63 -0.50
CA TYR A 90 0.24 11.89 0.00
C TYR A 90 -0.83 11.65 1.06
N GLU A 91 -1.96 11.11 0.61
CA GLU A 91 -3.07 10.76 1.50
C GLU A 91 -3.55 11.96 2.31
N ASN A 92 -4.14 11.67 3.48
CA ASN A 92 -4.71 12.69 4.35
C ASN A 92 -5.98 13.23 3.72
N THR A 93 -6.66 12.35 2.99
CA THR A 93 -7.85 12.70 2.25
C THR A 93 -9.10 12.65 3.14
N THR A 94 -8.91 13.01 4.41
CA THR A 94 -9.98 12.95 5.40
C THR A 94 -11.12 13.92 5.09
N LYS A 95 -12.09 13.41 4.35
CA LYS A 95 -13.34 14.12 4.10
C LYS A 95 -14.34 13.21 3.41
N LEU A 96 -13.83 12.48 2.40
CA LEU A 96 -14.60 11.47 1.68
C LEU A 96 -15.88 12.03 1.06
N SER A 97 -15.73 12.76 -0.03
CA SER A 97 -16.87 13.34 -0.72
C SER A 97 -17.39 12.39 -1.79
N THR A 98 -17.87 11.23 -1.36
CA THR A 98 -18.30 10.19 -2.29
C THR A 98 -19.83 10.16 -2.43
N THR A 99 -20.53 10.88 -1.56
CA THR A 99 -21.99 10.87 -1.57
C THR A 99 -22.55 12.23 -1.14
N MET A 6 -5.96 -6.30 -15.38
CA MET A 6 -6.76 -5.64 -14.34
C MET A 6 -5.87 -4.88 -13.37
N ASN A 7 -6.47 -4.37 -12.30
CA ASN A 7 -5.75 -3.52 -11.37
C ASN A 7 -5.24 -4.31 -10.18
N HIS A 8 -3.93 -4.44 -10.09
CA HIS A 8 -3.30 -5.12 -8.96
C HIS A 8 -2.54 -4.10 -8.13
N TYR A 9 -3.17 -3.64 -7.07
CA TYR A 9 -2.56 -2.64 -6.21
C TYR A 9 -1.90 -3.31 -5.01
N VAL A 10 -0.70 -2.85 -4.68
CA VAL A 10 0.00 -3.32 -3.51
C VAL A 10 0.19 -2.17 -2.53
N TYR A 11 -0.67 -2.10 -1.53
CA TYR A 11 -0.56 -1.07 -0.52
C TYR A 11 0.09 -1.65 0.72
N ILE A 12 1.13 -0.99 1.20
CA ILE A 12 1.78 -1.42 2.41
C ILE A 12 1.48 -0.40 3.53
N LEU A 13 0.69 -0.83 4.48
CA LEU A 13 0.25 0.05 5.55
C LEU A 13 1.08 -0.16 6.81
N GLU A 14 1.49 0.93 7.42
CA GLU A 14 2.30 0.85 8.63
C GLU A 14 1.42 0.95 9.86
N CYS A 15 1.66 0.07 10.81
CA CYS A 15 0.95 0.10 12.08
C CYS A 15 1.66 1.05 13.04
N LYS A 16 1.11 1.21 14.24
CA LYS A 16 1.82 1.89 15.32
C LYS A 16 3.11 1.13 15.62
N ASP A 17 3.04 -0.18 15.40
CA ASP A 17 4.16 -1.07 15.62
C ASP A 17 5.03 -1.10 14.37
N GLY A 18 6.23 -1.66 14.51
CA GLY A 18 7.16 -1.73 13.39
C GLY A 18 6.82 -2.86 12.44
N SER A 19 5.54 -3.07 12.23
CA SER A 19 5.06 -4.12 11.34
C SER A 19 4.27 -3.52 10.19
N TRP A 20 4.61 -3.89 8.97
CA TRP A 20 3.92 -3.39 7.80
C TRP A 20 2.88 -4.40 7.31
N TYR A 21 1.77 -3.89 6.83
CA TYR A 21 0.68 -4.70 6.32
C TYR A 21 0.61 -4.60 4.80
N THR A 22 1.09 -5.63 4.13
CA THR A 22 1.11 -5.65 2.67
C THR A 22 -0.20 -6.21 2.13
N GLY A 23 -1.03 -5.34 1.57
CA GLY A 23 -2.31 -5.75 1.05
C GLY A 23 -2.31 -5.83 -0.46
N TYR A 24 -2.52 -7.03 -0.98
CA TYR A 24 -2.58 -7.26 -2.42
C TYR A 24 -4.03 -7.25 -2.88
N THR A 25 -4.44 -6.20 -3.58
CA THR A 25 -5.83 -6.05 -3.98
C THR A 25 -5.98 -6.01 -5.50
N THR A 26 -6.95 -6.77 -5.99
CA THR A 26 -7.33 -6.76 -7.38
C THR A 26 -8.84 -6.57 -7.45
N ASP A 27 -9.27 -5.35 -7.16
CA ASP A 27 -10.68 -5.10 -6.87
C ASP A 27 -11.18 -3.85 -7.56
N VAL A 28 -11.87 -4.05 -8.68
CA VAL A 28 -12.58 -2.95 -9.33
C VAL A 28 -13.65 -2.42 -8.38
N ASP A 29 -14.36 -3.35 -7.76
CA ASP A 29 -15.42 -3.05 -6.80
C ASP A 29 -14.96 -2.07 -5.73
N ARG A 30 -13.80 -2.34 -5.15
CA ARG A 30 -13.26 -1.52 -4.06
C ARG A 30 -13.18 -0.06 -4.44
N ARG A 31 -12.56 0.23 -5.60
CA ARG A 31 -12.32 1.61 -6.00
C ARG A 31 -13.63 2.37 -6.22
N ILE A 32 -14.48 1.83 -7.09
CA ILE A 32 -15.74 2.48 -7.42
C ILE A 32 -16.64 2.62 -6.20
N LYS A 33 -16.68 1.58 -5.36
CA LYS A 33 -17.47 1.60 -4.14
C LYS A 33 -17.02 2.70 -3.20
N LYS A 34 -15.70 2.88 -3.07
CA LYS A 34 -15.15 3.93 -2.22
C LYS A 34 -15.61 5.31 -2.68
N HIS A 35 -15.75 5.49 -3.98
CA HIS A 35 -16.23 6.75 -4.53
C HIS A 35 -17.73 6.88 -4.33
N ALA A 36 -18.46 5.81 -4.62
CA ALA A 36 -19.92 5.79 -4.47
C ALA A 36 -20.34 6.01 -3.01
N SER A 37 -19.90 5.13 -2.13
CA SER A 37 -20.30 5.17 -0.73
C SER A 37 -19.59 6.30 0.01
N GLY A 38 -18.40 6.64 -0.44
CA GLY A 38 -17.58 7.60 0.27
C GLY A 38 -18.03 9.03 0.09
N LYS A 39 -18.93 9.27 -0.85
CA LYS A 39 -19.44 10.62 -1.09
C LYS A 39 -20.26 11.08 0.11
N GLY A 40 -19.73 12.07 0.81
CA GLY A 40 -20.37 12.57 2.01
C GLY A 40 -19.42 12.55 3.19
N ALA A 41 -18.81 11.39 3.41
CA ALA A 41 -17.80 11.20 4.47
C ALA A 41 -18.40 11.33 5.87
N LYS A 42 -18.11 10.35 6.72
CA LYS A 42 -18.54 10.41 8.12
C LYS A 42 -17.58 11.24 8.94
N TYR A 43 -16.42 11.54 8.34
CA TYR A 43 -15.36 12.33 8.96
C TYR A 43 -14.68 11.57 10.10
N THR A 44 -15.39 11.46 11.24
CA THR A 44 -14.89 10.79 12.44
C THR A 44 -13.50 11.31 12.87
N ARG A 45 -12.89 10.64 13.83
CA ARG A 45 -11.58 11.05 14.32
C ARG A 45 -10.61 9.89 14.21
N GLY A 46 -9.45 10.15 13.60
CA GLY A 46 -8.44 9.11 13.49
C GLY A 46 -7.42 9.40 12.42
N ARG A 47 -7.60 8.80 11.24
CA ARG A 47 -6.63 8.87 10.14
C ARG A 47 -5.32 8.18 10.54
N GLY A 48 -5.44 7.24 11.46
CA GLY A 48 -4.28 6.51 11.94
C GLY A 48 -4.69 5.33 12.78
N PRO A 49 -3.73 4.55 13.32
CA PRO A 49 -2.30 4.80 13.13
C PRO A 49 -1.77 4.11 11.87
N PHE A 50 -2.67 3.69 11.00
CA PHE A 50 -2.29 3.02 9.76
C PHE A 50 -1.83 4.04 8.73
N ARG A 51 -0.52 4.14 8.58
CA ARG A 51 0.07 5.07 7.65
C ARG A 51 0.38 4.38 6.33
N LEU A 52 -0.16 4.92 5.25
CA LEU A 52 0.11 4.38 3.93
C LEU A 52 1.50 4.78 3.47
N VAL A 53 2.39 3.80 3.42
CA VAL A 53 3.76 4.05 3.04
C VAL A 53 3.88 4.16 1.52
N ALA A 54 3.58 3.07 0.82
CA ALA A 54 3.68 3.05 -0.63
C ALA A 54 2.54 2.25 -1.24
N THR A 55 2.18 2.60 -2.47
CA THR A 55 1.17 1.87 -3.20
C THR A 55 1.65 1.60 -4.62
N TRP A 56 1.91 0.34 -4.92
CA TRP A 56 2.38 -0.05 -6.24
C TRP A 56 1.22 -0.60 -7.06
N ALA A 57 1.30 -0.46 -8.37
CA ALA A 57 0.25 -0.95 -9.24
C ALA A 57 0.84 -1.74 -10.41
N PHE A 58 0.54 -3.02 -10.44
CA PHE A 58 1.05 -3.89 -11.49
C PHE A 58 -0.10 -4.35 -12.38
N PRO A 59 0.07 -4.24 -13.70
CA PRO A 59 -0.95 -4.67 -14.66
C PRO A 59 -0.88 -6.17 -14.95
N SER A 60 0.10 -6.84 -14.37
CA SER A 60 0.31 -8.26 -14.62
C SER A 60 0.12 -9.06 -13.33
N LYS A 61 -0.70 -10.10 -13.41
CA LYS A 61 -0.98 -10.96 -12.26
C LYS A 61 0.27 -11.63 -11.73
N GLU A 62 0.98 -12.36 -12.59
CA GLU A 62 2.13 -13.16 -12.18
C GLU A 62 3.28 -12.29 -11.69
N GLU A 63 3.45 -11.11 -12.28
CA GLU A 63 4.44 -10.15 -11.81
C GLU A 63 4.20 -9.82 -10.34
N ALA A 64 2.98 -9.42 -10.04
CA ALA A 64 2.61 -9.04 -8.68
C ALA A 64 2.56 -10.26 -7.75
N MET A 65 2.39 -11.43 -8.33
CA MET A 65 2.33 -12.66 -7.55
C MET A 65 3.69 -12.99 -6.95
N ARG A 66 4.72 -13.02 -7.78
CA ARG A 66 6.07 -13.29 -7.30
C ARG A 66 6.53 -12.17 -6.39
N TRP A 67 6.15 -10.96 -6.78
CA TRP A 67 6.44 -9.74 -6.05
C TRP A 67 5.94 -9.82 -4.59
N GLU A 68 4.62 -9.89 -4.44
CA GLU A 68 3.97 -9.82 -3.13
C GLU A 68 4.43 -10.93 -2.21
N TYR A 69 4.54 -12.14 -2.76
CA TYR A 69 5.00 -13.29 -1.99
C TYR A 69 6.37 -13.00 -1.38
N GLU A 70 7.26 -12.40 -2.16
CA GLU A 70 8.59 -12.08 -1.69
C GLU A 70 8.58 -10.90 -0.73
N VAL A 71 7.69 -9.94 -0.97
CA VAL A 71 7.57 -8.79 -0.08
C VAL A 71 7.23 -9.24 1.33
N LYS A 72 6.30 -10.19 1.43
CA LYS A 72 5.96 -10.80 2.70
C LYS A 72 7.19 -11.45 3.33
N HIS A 73 7.97 -12.15 2.52
CA HIS A 73 9.13 -12.89 3.01
C HIS A 73 10.35 -11.99 3.20
N LEU A 74 10.27 -10.76 2.70
CA LEU A 74 11.34 -9.79 2.90
C LEU A 74 11.33 -9.28 4.33
N SER A 75 12.48 -9.35 4.99
CA SER A 75 12.61 -8.87 6.35
C SER A 75 12.34 -7.37 6.40
N ARG A 76 12.17 -6.83 7.61
CA ARG A 76 11.89 -5.40 7.77
C ARG A 76 13.00 -4.56 7.15
N ARG A 77 14.22 -5.09 7.16
CA ARG A 77 15.36 -4.41 6.54
C ARG A 77 15.10 -4.18 5.05
N LYS A 78 14.64 -5.23 4.37
CA LYS A 78 14.36 -5.14 2.94
C LYS A 78 13.09 -4.35 2.68
N LYS A 79 12.17 -4.39 3.64
CA LYS A 79 10.97 -3.58 3.54
C LYS A 79 11.32 -2.09 3.66
N GLU A 80 12.32 -1.78 4.48
CA GLU A 80 12.84 -0.42 4.58
C GLU A 80 13.47 0.00 3.25
N GLN A 81 14.09 -0.97 2.56
CA GLN A 81 14.63 -0.73 1.23
C GLN A 81 13.50 -0.44 0.26
N LEU A 82 12.40 -1.16 0.42
CA LEU A 82 11.20 -0.94 -0.37
C LEU A 82 10.62 0.44 -0.09
N VAL A 83 10.74 0.89 1.15
CA VAL A 83 10.32 2.24 1.53
C VAL A 83 11.26 3.28 0.93
N SER A 84 12.48 2.86 0.60
CA SER A 84 13.44 3.76 -0.02
C SER A 84 13.11 3.97 -1.50
N LEU A 85 12.17 3.17 -2.00
CA LEU A 85 11.68 3.34 -3.36
C LEU A 85 10.53 4.35 -3.37
N LYS A 86 10.02 4.63 -2.18
CA LYS A 86 9.00 5.65 -1.99
C LYS A 86 9.61 7.04 -2.17
N GLY A 87 8.84 7.95 -2.75
CA GLY A 87 9.31 9.31 -2.95
C GLY A 87 9.14 10.16 -1.71
N GLY A 88 9.59 9.64 -0.57
CA GLY A 88 9.49 10.34 0.70
C GLY A 88 8.05 10.63 1.12
N PRO A 89 7.85 11.00 2.40
CA PRO A 89 6.54 11.40 2.89
C PRO A 89 6.23 12.86 2.54
N TYR A 90 5.74 13.06 1.33
CA TYR A 90 5.42 14.37 0.82
C TYR A 90 4.51 14.21 -0.38
N GLU A 91 3.24 14.50 -0.16
CA GLU A 91 2.17 14.25 -1.13
C GLU A 91 1.87 12.75 -1.18
N ASN A 92 0.58 12.41 -1.33
CA ASN A 92 0.11 11.05 -1.14
C ASN A 92 0.45 10.60 0.27
N THR A 93 0.54 11.56 1.17
CA THR A 93 0.90 11.31 2.56
C THR A 93 -0.35 11.14 3.40
N THR A 94 -1.50 11.42 2.79
CA THR A 94 -2.77 11.16 3.43
C THR A 94 -3.39 9.90 2.84
N LYS A 95 -4.27 10.08 1.86
CA LYS A 95 -4.91 8.98 1.15
C LYS A 95 -5.67 8.04 2.11
N LEU A 96 -5.90 8.51 3.33
CA LEU A 96 -6.69 7.75 4.29
C LEU A 96 -8.16 7.80 3.90
N SER A 97 -8.52 7.01 2.90
CA SER A 97 -9.90 6.90 2.46
C SER A 97 -10.69 6.10 3.50
N THR A 98 -11.26 6.81 4.45
CA THR A 98 -11.93 6.20 5.59
C THR A 98 -13.03 5.23 5.16
N THR A 99 -13.07 4.08 5.81
CA THR A 99 -14.06 3.06 5.52
C THR A 99 -14.90 2.79 6.75
N MET A 6 -7.92 -7.39 -14.33
CA MET A 6 -7.61 -7.41 -12.92
C MET A 6 -6.52 -6.40 -12.57
N ASN A 7 -6.94 -5.29 -11.99
CA ASN A 7 -6.01 -4.27 -11.54
C ASN A 7 -5.41 -4.66 -10.19
N HIS A 8 -4.09 -4.71 -10.13
CA HIS A 8 -3.41 -5.14 -8.91
C HIS A 8 -2.71 -3.97 -8.24
N TYR A 9 -3.19 -3.59 -7.06
CA TYR A 9 -2.57 -2.53 -6.28
C TYR A 9 -1.95 -3.13 -5.03
N VAL A 10 -0.77 -2.65 -4.65
CA VAL A 10 -0.13 -3.11 -3.44
C VAL A 10 0.22 -1.92 -2.56
N TYR A 11 -0.60 -1.68 -1.56
CA TYR A 11 -0.34 -0.61 -0.61
C TYR A 11 0.30 -1.18 0.65
N ILE A 12 1.18 -0.42 1.27
CA ILE A 12 1.74 -0.84 2.52
C ILE A 12 1.47 0.23 3.59
N LEU A 13 0.67 -0.13 4.57
CA LEU A 13 0.24 0.81 5.60
C LEU A 13 0.96 0.52 6.90
N GLU A 14 1.43 1.57 7.55
CA GLU A 14 2.08 1.42 8.83
C GLU A 14 1.04 1.46 9.93
N CYS A 15 1.05 0.45 10.79
CA CYS A 15 0.08 0.36 11.87
C CYS A 15 0.47 1.25 13.04
N LYS A 16 -0.37 1.27 14.06
CA LYS A 16 -0.06 1.97 15.30
C LYS A 16 1.18 1.36 15.94
N ASP A 17 1.41 0.08 15.64
CA ASP A 17 2.60 -0.62 16.07
C ASP A 17 3.59 -0.75 14.92
N GLY A 18 4.78 -1.24 15.21
CA GLY A 18 5.82 -1.30 14.20
C GLY A 18 5.67 -2.44 13.21
N SER A 19 4.47 -2.61 12.69
CA SER A 19 4.25 -3.58 11.63
C SER A 19 3.73 -2.89 10.37
N TRP A 20 4.27 -3.25 9.23
CA TRP A 20 3.81 -2.71 7.97
C TRP A 20 2.84 -3.68 7.31
N TYR A 21 1.66 -3.19 6.98
CA TYR A 21 0.59 -4.01 6.45
C TYR A 21 0.63 -4.00 4.94
N THR A 22 1.03 -5.12 4.35
CA THR A 22 1.05 -5.26 2.91
C THR A 22 -0.34 -5.64 2.39
N GLY A 23 -0.99 -4.68 1.77
CA GLY A 23 -2.32 -4.92 1.24
C GLY A 23 -2.30 -5.20 -0.24
N TYR A 24 -2.56 -6.44 -0.61
CA TYR A 24 -2.60 -6.85 -2.00
C TYR A 24 -4.04 -6.76 -2.51
N THR A 25 -4.34 -5.70 -3.23
CA THR A 25 -5.70 -5.45 -3.70
C THR A 25 -5.83 -5.75 -5.19
N THR A 26 -6.74 -6.66 -5.50
CA THR A 26 -7.11 -6.91 -6.88
C THR A 26 -8.61 -6.70 -7.03
N ASP A 27 -9.02 -5.44 -6.92
CA ASP A 27 -10.43 -5.09 -6.86
C ASP A 27 -10.76 -3.92 -7.74
N VAL A 28 -11.31 -4.20 -8.91
CA VAL A 28 -11.99 -3.16 -9.69
C VAL A 28 -13.17 -2.66 -8.87
N ASP A 29 -13.69 -3.55 -8.04
CA ASP A 29 -14.80 -3.29 -7.13
C ASP A 29 -14.50 -2.11 -6.21
N ARG A 30 -13.43 -2.23 -5.44
CA ARG A 30 -13.03 -1.20 -4.49
C ARG A 30 -12.75 0.12 -5.22
N ARG A 31 -12.14 0.00 -6.40
CA ARG A 31 -11.78 1.14 -7.21
C ARG A 31 -13.02 1.91 -7.69
N ILE A 32 -13.90 1.21 -8.39
CA ILE A 32 -15.07 1.84 -8.99
C ILE A 32 -15.98 2.46 -7.92
N LYS A 33 -16.08 1.81 -6.77
CA LYS A 33 -16.90 2.31 -5.67
C LYS A 33 -16.43 3.68 -5.19
N LYS A 34 -15.19 3.77 -4.72
CA LYS A 34 -14.67 5.06 -4.26
C LYS A 34 -14.62 6.06 -5.42
N HIS A 35 -14.48 5.55 -6.63
CA HIS A 35 -14.49 6.39 -7.82
C HIS A 35 -15.82 7.14 -7.91
N ALA A 36 -16.90 6.39 -8.00
CA ALA A 36 -18.25 6.96 -8.07
C ALA A 36 -18.61 7.72 -6.79
N SER A 37 -18.61 7.01 -5.67
CA SER A 37 -19.20 7.50 -4.42
C SER A 37 -18.19 8.19 -3.51
N GLY A 38 -16.95 7.72 -3.53
CA GLY A 38 -15.96 8.14 -2.55
C GLY A 38 -15.59 9.61 -2.63
N LYS A 39 -15.62 10.16 -3.84
CA LYS A 39 -15.23 11.56 -4.07
C LYS A 39 -15.94 12.53 -3.12
N GLY A 40 -17.26 12.58 -3.23
CA GLY A 40 -18.03 13.53 -2.45
C GLY A 40 -18.71 12.89 -1.26
N ALA A 41 -17.98 12.07 -0.53
CA ALA A 41 -18.52 11.44 0.66
C ALA A 41 -17.42 11.19 1.69
N LYS A 42 -16.63 10.14 1.45
CA LYS A 42 -15.57 9.74 2.37
C LYS A 42 -16.14 9.57 3.79
N TYR A 43 -16.92 8.52 3.97
CA TYR A 43 -17.63 8.29 5.22
C TYR A 43 -16.66 7.88 6.32
N THR A 44 -15.72 7.02 5.96
CA THR A 44 -14.70 6.57 6.88
C THR A 44 -13.57 7.59 6.99
N ARG A 45 -13.46 8.21 8.16
CA ARG A 45 -12.43 9.21 8.41
C ARG A 45 -11.73 8.91 9.72
N GLY A 46 -10.87 7.89 9.70
CA GLY A 46 -10.18 7.48 10.90
C GLY A 46 -9.11 8.47 11.32
N ARG A 47 -8.35 8.95 10.33
CA ARG A 47 -7.26 9.90 10.57
C ARG A 47 -6.13 9.19 11.32
N GLY A 48 -6.19 7.87 11.30
CA GLY A 48 -5.24 7.04 12.00
C GLY A 48 -5.85 5.72 12.40
N PRO A 49 -5.09 4.79 13.01
CA PRO A 49 -3.66 5.00 13.27
C PRO A 49 -2.79 4.48 12.12
N PHE A 50 -3.45 4.04 11.04
CA PHE A 50 -2.74 3.54 9.87
C PHE A 50 -2.21 4.69 9.03
N ARG A 51 -0.92 4.67 8.78
CA ARG A 51 -0.29 5.73 7.99
C ARG A 51 0.32 5.13 6.73
N LEU A 52 0.01 5.73 5.59
CA LEU A 52 0.49 5.23 4.31
C LEU A 52 1.99 5.43 4.17
N VAL A 53 2.70 4.33 3.95
CA VAL A 53 4.14 4.39 3.70
C VAL A 53 4.40 4.49 2.21
N ALA A 54 3.96 3.48 1.46
CA ALA A 54 4.14 3.45 0.02
C ALA A 54 3.02 2.66 -0.64
N THR A 55 2.93 2.78 -1.96
CA THR A 55 1.93 2.07 -2.73
C THR A 55 2.45 1.77 -4.13
N TRP A 56 2.33 0.52 -4.55
CA TRP A 56 2.77 0.12 -5.87
C TRP A 56 1.58 -0.40 -6.68
N ALA A 57 1.69 -0.36 -8.00
CA ALA A 57 0.63 -0.83 -8.87
C ALA A 57 1.22 -1.64 -10.02
N PHE A 58 0.64 -2.81 -10.28
CA PHE A 58 1.10 -3.68 -11.36
C PHE A 58 -0.08 -4.17 -12.18
N PRO A 59 -0.05 -3.95 -13.49
CA PRO A 59 -1.09 -4.46 -14.40
C PRO A 59 -0.90 -5.94 -14.72
N SER A 60 0.25 -6.47 -14.33
CA SER A 60 0.60 -7.84 -14.64
C SER A 60 0.23 -8.77 -13.48
N LYS A 61 -0.67 -9.71 -13.74
CA LYS A 61 -1.11 -10.66 -12.74
C LYS A 61 0.07 -11.49 -12.21
N GLU A 62 0.86 -12.01 -13.13
CA GLU A 62 1.97 -12.88 -12.79
C GLU A 62 3.03 -12.12 -12.01
N GLU A 63 3.33 -10.91 -12.47
CA GLU A 63 4.35 -10.08 -11.85
C GLU A 63 3.97 -9.74 -10.41
N ALA A 64 2.73 -9.28 -10.23
CA ALA A 64 2.24 -8.87 -8.93
C ALA A 64 2.16 -10.04 -7.97
N MET A 65 1.87 -11.23 -8.51
CA MET A 65 1.77 -12.44 -7.69
C MET A 65 3.14 -12.86 -7.17
N ARG A 66 4.14 -12.82 -8.04
CA ARG A 66 5.51 -13.13 -7.65
C ARG A 66 6.04 -12.07 -6.69
N TRP A 67 5.65 -10.83 -6.97
CA TRP A 67 6.02 -9.68 -6.16
C TRP A 67 5.53 -9.83 -4.71
N GLU A 68 4.22 -9.95 -4.56
CA GLU A 68 3.57 -10.13 -3.25
C GLU A 68 4.26 -11.23 -2.44
N TYR A 69 4.46 -12.36 -3.09
CA TYR A 69 5.13 -13.50 -2.48
C TYR A 69 6.50 -13.11 -1.94
N GLU A 70 7.23 -12.32 -2.71
CA GLU A 70 8.54 -11.82 -2.28
C GLU A 70 8.40 -10.95 -1.04
N VAL A 71 7.35 -10.12 -1.00
CA VAL A 71 7.11 -9.24 0.14
C VAL A 71 6.95 -10.04 1.43
N LYS A 72 6.32 -11.20 1.31
CA LYS A 72 6.14 -12.08 2.46
C LYS A 72 7.47 -12.69 2.88
N HIS A 73 8.39 -12.82 1.93
CA HIS A 73 9.72 -13.35 2.20
C HIS A 73 10.65 -12.28 2.77
N LEU A 74 10.42 -11.04 2.37
CA LEU A 74 11.30 -9.91 2.71
C LEU A 74 11.60 -9.86 4.20
N SER A 75 12.89 -9.86 4.52
CA SER A 75 13.32 -9.63 5.89
C SER A 75 13.21 -8.13 6.21
N ARG A 76 13.68 -7.74 7.40
CA ARG A 76 13.55 -6.36 7.87
C ARG A 76 14.18 -5.38 6.86
N ARG A 77 15.38 -5.70 6.40
CA ARG A 77 16.11 -4.81 5.51
C ARG A 77 15.41 -4.68 4.16
N LYS A 78 14.86 -5.79 3.66
CA LYS A 78 14.17 -5.78 2.38
C LYS A 78 12.91 -4.90 2.44
N LYS A 79 12.18 -5.00 3.54
CA LYS A 79 11.00 -4.17 3.75
C LYS A 79 11.42 -2.70 3.85
N GLU A 80 12.53 -2.47 4.53
CA GLU A 80 13.08 -1.13 4.67
C GLU A 80 13.56 -0.61 3.32
N GLN A 81 14.15 -1.50 2.52
CA GLN A 81 14.59 -1.19 1.16
C GLN A 81 13.41 -0.76 0.30
N LEU A 82 12.26 -1.38 0.52
CA LEU A 82 11.06 -1.05 -0.23
C LEU A 82 10.54 0.33 0.19
N VAL A 83 10.74 0.70 1.44
CA VAL A 83 10.39 2.04 1.91
C VAL A 83 11.35 3.06 1.31
N SER A 84 12.61 2.65 1.14
CA SER A 84 13.59 3.47 0.48
C SER A 84 13.31 3.53 -1.02
N LEU A 85 12.51 2.58 -1.50
CA LEU A 85 12.13 2.50 -2.90
C LEU A 85 10.85 3.31 -3.15
N LYS A 86 10.31 3.90 -2.09
CA LYS A 86 9.18 4.79 -2.20
C LYS A 86 9.53 5.94 -3.13
N GLY A 87 8.62 6.30 -4.02
CA GLY A 87 8.87 7.36 -4.97
C GLY A 87 8.76 8.73 -4.35
N GLY A 88 9.64 9.01 -3.41
CA GLY A 88 9.60 10.27 -2.67
C GLY A 88 8.29 10.42 -1.92
N PRO A 89 7.66 11.58 -1.98
CA PRO A 89 6.34 11.78 -1.36
C PRO A 89 5.28 10.91 -2.04
N TYR A 90 5.36 10.88 -3.36
CA TYR A 90 4.40 10.15 -4.21
C TYR A 90 4.62 10.59 -5.66
N GLU A 91 5.02 11.84 -5.79
CA GLU A 91 5.30 12.46 -7.07
C GLU A 91 6.51 13.37 -6.86
N ASN A 92 7.02 13.97 -7.93
CA ASN A 92 8.07 14.98 -7.81
C ASN A 92 7.50 16.26 -7.19
N THR A 93 6.18 16.24 -7.02
CA THR A 93 5.41 17.32 -6.42
C THR A 93 5.63 18.63 -7.15
N THR A 94 4.91 18.79 -8.26
CA THR A 94 4.98 20.02 -9.03
C THR A 94 4.30 21.15 -8.27
N LYS A 95 5.02 21.71 -7.31
CA LYS A 95 4.49 22.77 -6.46
C LYS A 95 5.36 24.03 -6.58
N LEU A 96 6.22 24.02 -7.60
CA LEU A 96 7.16 25.13 -7.85
C LEU A 96 8.29 25.14 -6.83
N SER A 97 8.21 24.25 -5.85
CA SER A 97 9.26 24.08 -4.87
C SER A 97 10.42 23.29 -5.47
N THR A 98 10.09 22.13 -6.02
CA THR A 98 11.05 21.33 -6.75
C THR A 98 11.02 21.70 -8.23
N THR A 99 12.01 22.44 -8.67
CA THR A 99 12.05 22.92 -10.03
C THR A 99 12.82 21.94 -10.92
N MET A 6 -7.63 -7.33 -13.78
CA MET A 6 -8.07 -6.39 -12.77
C MET A 6 -6.85 -5.72 -12.15
N ASN A 7 -7.07 -4.69 -11.35
CA ASN A 7 -5.97 -3.93 -10.78
C ASN A 7 -5.52 -4.56 -9.48
N HIS A 8 -4.26 -4.96 -9.42
CA HIS A 8 -3.69 -5.58 -8.24
C HIS A 8 -2.97 -4.53 -7.41
N TYR A 9 -3.52 -4.18 -6.26
CA TYR A 9 -2.94 -3.18 -5.39
C TYR A 9 -2.09 -3.82 -4.31
N VAL A 10 -0.78 -3.61 -4.41
CA VAL A 10 0.13 -3.97 -3.33
C VAL A 10 0.28 -2.77 -2.41
N TYR A 11 -0.25 -2.87 -1.21
CA TYR A 11 -0.22 -1.76 -0.28
C TYR A 11 0.44 -2.17 1.02
N ILE A 12 1.34 -1.34 1.51
CA ILE A 12 1.94 -1.59 2.81
C ILE A 12 1.60 -0.45 3.76
N LEU A 13 0.86 -0.79 4.80
CA LEU A 13 0.39 0.20 5.76
C LEU A 13 1.06 0.00 7.09
N GLU A 14 1.62 1.06 7.64
CA GLU A 14 2.20 0.99 8.96
C GLU A 14 1.10 1.14 10.00
N CYS A 15 1.04 0.20 10.93
CA CYS A 15 0.03 0.23 11.95
C CYS A 15 0.47 1.13 13.11
N LYS A 16 -0.46 1.40 14.01
CA LYS A 16 -0.21 2.24 15.17
C LYS A 16 0.89 1.65 16.07
N ASP A 17 0.97 0.33 16.07
CA ASP A 17 1.97 -0.37 16.90
C ASP A 17 3.36 -0.24 16.31
N GLY A 18 3.61 -0.90 15.19
CA GLY A 18 4.91 -0.82 14.58
C GLY A 18 5.03 -1.63 13.31
N SER A 19 4.23 -2.68 13.19
CA SER A 19 4.32 -3.59 12.06
C SER A 19 3.86 -2.94 10.77
N TRP A 20 4.58 -3.22 9.68
CA TRP A 20 4.16 -2.80 8.35
C TRP A 20 3.31 -3.89 7.71
N TYR A 21 2.10 -3.56 7.34
CA TYR A 21 1.15 -4.53 6.83
C TYR A 21 1.18 -4.57 5.30
N THR A 22 1.80 -5.59 4.75
CA THR A 22 1.85 -5.76 3.31
C THR A 22 0.62 -6.54 2.82
N GLY A 23 -0.38 -5.80 2.36
CA GLY A 23 -1.63 -6.41 1.96
C GLY A 23 -1.75 -6.52 0.45
N TYR A 24 -2.65 -7.36 -0.01
CA TYR A 24 -2.81 -7.62 -1.43
C TYR A 24 -4.30 -7.70 -1.79
N THR A 25 -4.76 -6.75 -2.60
CA THR A 25 -6.14 -6.74 -3.03
C THR A 25 -6.22 -6.66 -4.55
N THR A 26 -7.16 -7.39 -5.13
CA THR A 26 -7.34 -7.38 -6.58
C THR A 26 -8.81 -7.51 -6.96
N ASP A 27 -9.54 -6.42 -6.86
CA ASP A 27 -10.89 -6.33 -7.40
C ASP A 27 -11.06 -5.00 -8.11
N VAL A 28 -11.82 -5.00 -9.19
CA VAL A 28 -11.98 -3.82 -10.04
C VAL A 28 -12.61 -2.65 -9.25
N ASP A 29 -13.42 -2.98 -8.26
CA ASP A 29 -14.15 -1.99 -7.48
C ASP A 29 -13.19 -1.05 -6.76
N ARG A 30 -12.03 -1.59 -6.38
CA ARG A 30 -11.00 -0.83 -5.67
C ARG A 30 -10.69 0.49 -6.35
N ARG A 31 -10.25 0.40 -7.58
CA ARG A 31 -9.65 1.54 -8.26
C ARG A 31 -10.71 2.56 -8.69
N ILE A 32 -11.77 2.06 -9.32
CA ILE A 32 -12.83 2.92 -9.83
C ILE A 32 -13.48 3.73 -8.70
N LYS A 33 -13.82 3.06 -7.60
CA LYS A 33 -14.46 3.71 -6.47
C LYS A 33 -13.53 4.79 -5.90
N LYS A 34 -12.25 4.45 -5.77
CA LYS A 34 -11.27 5.39 -5.24
C LYS A 34 -11.17 6.63 -6.12
N HIS A 35 -11.35 6.47 -7.42
CA HIS A 35 -11.33 7.60 -8.34
C HIS A 35 -12.64 8.38 -8.26
N ALA A 36 -13.74 7.66 -8.15
CA ALA A 36 -15.06 8.28 -8.05
C ALA A 36 -15.16 9.17 -6.82
N SER A 37 -14.80 8.63 -5.66
CA SER A 37 -14.88 9.37 -4.40
C SER A 37 -13.66 10.26 -4.21
N GLY A 38 -12.58 9.91 -4.88
CA GLY A 38 -11.31 10.58 -4.66
C GLY A 38 -11.18 11.89 -5.40
N LYS A 39 -12.25 12.32 -6.06
CA LYS A 39 -12.26 13.60 -6.77
C LYS A 39 -12.19 14.76 -5.78
N GLY A 40 -11.02 15.37 -5.67
CA GLY A 40 -10.81 16.42 -4.70
C GLY A 40 -9.96 15.93 -3.54
N ALA A 41 -10.41 14.82 -2.94
CA ALA A 41 -9.67 14.15 -1.87
C ALA A 41 -9.52 15.04 -0.64
N LYS A 42 -10.51 15.89 -0.40
CA LYS A 42 -10.49 16.76 0.78
C LYS A 42 -10.65 15.94 2.04
N TYR A 43 -9.61 15.92 2.86
CA TYR A 43 -9.62 15.15 4.09
C TYR A 43 -9.15 15.97 5.27
N THR A 44 -9.03 15.29 6.39
CA THR A 44 -8.54 15.88 7.63
C THR A 44 -7.13 15.39 7.91
N ARG A 45 -6.58 14.66 6.93
CA ARG A 45 -5.25 14.02 7.05
C ARG A 45 -5.27 12.89 8.06
N GLY A 46 -4.18 12.14 8.12
CA GLY A 46 -4.12 10.98 8.98
C GLY A 46 -2.90 10.98 9.86
N ARG A 47 -3.11 10.83 11.16
CA ARG A 47 -2.02 10.76 12.12
C ARG A 47 -1.99 9.38 12.76
N GLY A 48 -2.97 8.57 12.40
CA GLY A 48 -3.10 7.24 12.94
C GLY A 48 -4.50 6.71 12.77
N PRO A 49 -4.75 5.43 13.12
CA PRO A 49 -3.72 4.52 13.61
C PRO A 49 -3.03 3.77 12.49
N PHE A 50 -2.96 4.39 11.32
CA PHE A 50 -2.29 3.81 10.18
C PHE A 50 -1.65 4.91 9.35
N ARG A 51 -0.58 4.56 8.65
CA ARG A 51 0.04 5.49 7.72
C ARG A 51 0.50 4.73 6.47
N LEU A 52 0.13 5.27 5.32
CA LEU A 52 0.49 4.66 4.05
C LEU A 52 1.97 4.91 3.75
N VAL A 53 2.69 3.84 3.50
CA VAL A 53 4.10 3.97 3.12
C VAL A 53 4.21 4.06 1.60
N ALA A 54 3.63 3.08 0.91
CA ALA A 54 3.61 3.07 -0.55
C ALA A 54 2.53 2.15 -1.09
N THR A 55 2.05 2.46 -2.29
CA THR A 55 1.04 1.64 -2.95
C THR A 55 1.43 1.38 -4.41
N TRP A 56 1.43 0.12 -4.80
CA TRP A 56 1.77 -0.26 -6.16
C TRP A 56 0.59 -0.91 -6.86
N ALA A 57 0.27 -0.44 -8.05
CA ALA A 57 -0.86 -0.96 -8.80
C ALA A 57 -0.39 -1.68 -10.06
N PHE A 58 -0.52 -3.00 -10.06
CA PHE A 58 -0.16 -3.79 -11.23
C PHE A 58 -1.39 -4.41 -11.85
N PRO A 59 -1.61 -4.22 -13.16
CA PRO A 59 -2.71 -4.87 -13.86
C PRO A 59 -2.38 -6.32 -14.20
N SER A 60 -1.10 -6.67 -14.08
CA SER A 60 -0.62 -7.98 -14.46
C SER A 60 -0.70 -8.95 -13.29
N LYS A 61 -1.38 -10.08 -13.51
CA LYS A 61 -1.52 -11.10 -12.49
C LYS A 61 -0.17 -11.66 -12.09
N GLU A 62 0.62 -12.04 -13.10
CA GLU A 62 1.94 -12.62 -12.89
C GLU A 62 2.81 -11.70 -12.05
N GLU A 63 2.84 -10.43 -12.42
CA GLU A 63 3.65 -9.44 -11.75
C GLU A 63 3.29 -9.32 -10.28
N ALA A 64 2.04 -9.00 -10.00
CA ALA A 64 1.60 -8.70 -8.65
C ALA A 64 1.65 -9.92 -7.74
N MET A 65 1.24 -11.08 -8.26
CA MET A 65 1.22 -12.31 -7.47
C MET A 65 2.65 -12.67 -7.06
N ARG A 66 3.58 -12.50 -7.99
CA ARG A 66 5.00 -12.72 -7.71
C ARG A 66 5.53 -11.65 -6.77
N TRP A 67 5.16 -10.40 -7.06
CA TRP A 67 5.60 -9.24 -6.29
C TRP A 67 5.28 -9.41 -4.81
N GLU A 68 4.04 -9.80 -4.53
CA GLU A 68 3.60 -10.04 -3.16
C GLU A 68 4.47 -11.09 -2.51
N TYR A 69 4.56 -12.23 -3.18
CA TYR A 69 5.28 -13.39 -2.65
C TYR A 69 6.73 -13.05 -2.31
N GLU A 70 7.32 -12.11 -3.05
CA GLU A 70 8.69 -11.68 -2.78
C GLU A 70 8.74 -10.89 -1.47
N VAL A 71 8.02 -9.77 -1.40
CA VAL A 71 7.98 -8.96 -0.19
C VAL A 71 7.43 -9.76 1.00
N LYS A 72 6.66 -10.78 0.69
CA LYS A 72 6.12 -11.69 1.71
C LYS A 72 7.27 -12.44 2.40
N HIS A 73 8.21 -12.94 1.60
CA HIS A 73 9.32 -13.70 2.13
C HIS A 73 10.52 -12.81 2.43
N LEU A 74 10.36 -11.51 2.25
CA LEU A 74 11.40 -10.58 2.62
C LEU A 74 11.42 -10.43 4.13
N SER A 75 12.29 -9.58 4.64
CA SER A 75 12.44 -9.43 6.07
C SER A 75 12.81 -8.01 6.41
N ARG A 76 12.95 -7.72 7.70
CA ARG A 76 13.08 -6.36 8.21
C ARG A 76 14.06 -5.51 7.39
N ARG A 77 15.27 -6.00 7.18
CA ARG A 77 16.30 -5.25 6.47
C ARG A 77 15.89 -4.96 5.03
N LYS A 78 15.38 -5.98 4.34
CA LYS A 78 15.00 -5.83 2.95
C LYS A 78 13.71 -5.04 2.83
N LYS A 79 12.87 -5.19 3.84
CA LYS A 79 11.59 -4.50 3.89
C LYS A 79 11.81 -3.01 4.13
N GLU A 80 12.89 -2.68 4.85
CA GLU A 80 13.28 -1.29 5.02
C GLU A 80 13.80 -0.74 3.69
N GLN A 81 14.58 -1.56 2.98
CA GLN A 81 15.10 -1.19 1.68
C GLN A 81 13.97 -0.82 0.73
N LEU A 82 12.85 -1.55 0.87
CA LEU A 82 11.65 -1.31 0.07
C LEU A 82 11.20 0.15 0.21
N VAL A 83 11.34 0.68 1.42
CA VAL A 83 10.95 2.05 1.71
C VAL A 83 12.07 3.02 1.37
N SER A 84 13.31 2.60 1.64
CA SER A 84 14.48 3.43 1.36
C SER A 84 14.54 3.81 -0.11
N LEU A 85 14.15 2.88 -0.99
CA LEU A 85 14.13 3.14 -2.42
C LEU A 85 13.08 4.17 -2.79
N LYS A 86 12.02 4.28 -1.99
CA LYS A 86 11.00 5.30 -2.21
C LYS A 86 11.53 6.66 -1.76
N GLY A 87 12.36 6.65 -0.74
CA GLY A 87 12.90 7.89 -0.21
C GLY A 87 13.37 7.73 1.22
N GLY A 88 12.78 6.77 1.92
CA GLY A 88 13.13 6.52 3.31
C GLY A 88 12.86 7.72 4.21
N PRO A 89 13.84 8.09 5.03
CA PRO A 89 13.72 9.22 5.94
C PRO A 89 13.79 10.57 5.22
N TYR A 90 12.66 11.25 5.14
CA TYR A 90 12.62 12.58 4.54
C TYR A 90 13.43 13.55 5.39
N GLU A 91 13.35 13.36 6.70
CA GLU A 91 14.14 14.11 7.67
C GLU A 91 14.04 13.40 9.02
N ASN A 92 14.72 12.26 9.12
CA ASN A 92 14.56 11.32 10.25
C ASN A 92 13.16 10.69 10.21
N THR A 93 12.13 11.54 10.33
CA THR A 93 10.71 11.15 10.26
C THR A 93 10.27 10.15 11.35
N THR A 94 11.23 9.56 12.05
CA THR A 94 10.97 8.71 13.21
C THR A 94 10.40 7.33 12.83
N LYS A 95 10.96 6.29 13.44
CA LYS A 95 10.42 4.94 13.37
C LYS A 95 10.68 4.28 12.03
N LEU A 96 11.83 3.64 11.94
CA LEU A 96 12.10 2.73 10.83
C LEU A 96 11.67 1.32 11.21
N SER A 97 10.94 1.23 12.33
CA SER A 97 10.43 -0.03 12.86
C SER A 97 11.52 -0.83 13.55
N THR A 98 11.11 -1.85 14.28
CA THR A 98 12.02 -2.65 15.10
C THR A 98 12.76 -3.69 14.27
N THR A 99 13.62 -4.45 14.92
CA THR A 99 14.38 -5.50 14.26
C THR A 99 13.66 -6.84 14.44
N MET A 6 -9.17 -6.11 -12.77
CA MET A 6 -7.94 -6.43 -12.07
C MET A 6 -6.96 -5.27 -12.06
N ASN A 7 -7.10 -4.40 -11.07
CA ASN A 7 -6.12 -3.36 -10.85
C ASN A 7 -5.32 -3.74 -9.62
N HIS A 8 -4.07 -4.14 -9.82
CA HIS A 8 -3.28 -4.67 -8.72
C HIS A 8 -2.49 -3.56 -8.05
N TYR A 9 -3.04 -3.04 -6.97
CA TYR A 9 -2.36 -2.01 -6.20
C TYR A 9 -1.79 -2.60 -4.91
N VAL A 10 -0.47 -2.67 -4.84
CA VAL A 10 0.19 -3.15 -3.64
C VAL A 10 0.35 -2.02 -2.65
N TYR A 11 -0.33 -2.10 -1.53
CA TYR A 11 -0.25 -1.04 -0.53
C TYR A 11 0.50 -1.53 0.70
N ILE A 12 1.32 -0.65 1.26
CA ILE A 12 2.00 -0.96 2.50
C ILE A 12 1.64 0.10 3.55
N LEU A 13 0.77 -0.31 4.47
CA LEU A 13 0.21 0.60 5.45
C LEU A 13 0.94 0.47 6.79
N GLU A 14 1.29 1.58 7.39
CA GLU A 14 1.98 1.55 8.67
C GLU A 14 0.97 1.44 9.80
N CYS A 15 0.90 0.28 10.41
CA CYS A 15 -0.04 0.06 11.50
C CYS A 15 0.46 0.75 12.77
N LYS A 16 -0.44 0.96 13.71
CA LYS A 16 -0.14 1.70 14.93
C LYS A 16 0.98 1.03 15.73
N ASP A 17 1.04 -0.30 15.66
CA ASP A 17 2.05 -1.05 16.39
C ASP A 17 3.39 -1.04 15.67
N GLY A 18 3.42 -0.42 14.49
CA GLY A 18 4.66 -0.27 13.77
C GLY A 18 4.88 -1.32 12.70
N SER A 19 3.86 -2.15 12.47
CA SER A 19 3.95 -3.17 11.44
C SER A 19 3.47 -2.63 10.09
N TRP A 20 4.34 -2.68 9.10
CA TRP A 20 3.94 -2.29 7.76
C TRP A 20 3.11 -3.39 7.11
N TYR A 21 1.94 -3.01 6.68
CA TYR A 21 0.93 -3.93 6.18
C TYR A 21 1.10 -4.11 4.68
N THR A 22 1.69 -5.22 4.27
CA THR A 22 2.01 -5.43 2.87
C THR A 22 1.04 -6.41 2.22
N GLY A 23 0.23 -5.89 1.31
CA GLY A 23 -0.68 -6.71 0.53
C GLY A 23 -1.26 -5.93 -0.61
N TYR A 24 -1.68 -6.58 -1.68
CA TYR A 24 -2.23 -5.88 -2.82
C TYR A 24 -3.73 -6.07 -2.93
N THR A 25 -4.40 -5.02 -3.38
CA THR A 25 -5.84 -5.08 -3.59
C THR A 25 -6.13 -5.30 -5.07
N THR A 26 -7.11 -6.13 -5.34
CA THR A 26 -7.62 -6.35 -6.69
C THR A 26 -9.06 -6.81 -6.59
N ASP A 27 -9.86 -5.97 -5.96
CA ASP A 27 -11.24 -6.30 -5.65
C ASP A 27 -12.15 -5.13 -5.95
N VAL A 28 -13.41 -5.43 -6.26
CA VAL A 28 -14.42 -4.39 -6.48
C VAL A 28 -14.62 -3.57 -5.21
N ASP A 29 -14.24 -4.16 -4.07
CA ASP A 29 -14.39 -3.51 -2.78
C ASP A 29 -13.39 -2.38 -2.63
N ARG A 30 -12.46 -2.28 -3.58
CA ARG A 30 -11.47 -1.21 -3.56
C ARG A 30 -12.15 0.15 -3.50
N ARG A 31 -13.09 0.36 -4.41
CA ARG A 31 -13.75 1.65 -4.54
C ARG A 31 -14.63 1.93 -3.32
N ILE A 32 -15.45 0.96 -2.95
CA ILE A 32 -16.36 1.11 -1.82
C ILE A 32 -15.59 1.36 -0.51
N LYS A 33 -14.42 0.75 -0.37
CA LYS A 33 -13.55 1.03 0.78
C LYS A 33 -13.17 2.51 0.80
N LYS A 34 -12.74 3.01 -0.34
CA LYS A 34 -12.39 4.42 -0.49
C LYS A 34 -13.61 5.31 -0.18
N HIS A 35 -14.78 4.85 -0.62
CA HIS A 35 -16.02 5.58 -0.40
C HIS A 35 -16.29 5.73 1.10
N ALA A 36 -16.16 4.63 1.83
CA ALA A 36 -16.31 4.65 3.29
C ALA A 36 -15.27 5.55 3.93
N SER A 37 -14.06 5.52 3.39
CA SER A 37 -12.95 6.31 3.90
C SER A 37 -13.08 7.77 3.49
N GLY A 38 -14.01 8.03 2.58
CA GLY A 38 -14.18 9.35 2.02
C GLY A 38 -14.82 10.34 2.99
N LYS A 39 -14.97 9.91 4.24
CA LYS A 39 -15.56 10.73 5.29
C LYS A 39 -17.07 10.83 5.07
N GLY A 40 -17.76 9.76 5.43
CA GLY A 40 -19.20 9.71 5.26
C GLY A 40 -19.68 8.30 5.03
N ALA A 41 -20.66 8.15 4.14
CA ALA A 41 -21.21 6.84 3.76
C ALA A 41 -21.83 6.12 4.96
N LYS A 42 -21.04 5.30 5.63
CA LYS A 42 -21.52 4.54 6.77
C LYS A 42 -20.71 4.86 8.01
N TYR A 43 -21.36 5.48 8.98
CA TYR A 43 -20.71 5.84 10.23
C TYR A 43 -20.71 4.65 11.19
N THR A 44 -19.51 4.25 11.59
CA THR A 44 -19.36 3.16 12.54
C THR A 44 -17.98 3.26 13.21
N ARG A 45 -17.36 4.43 13.06
CA ARG A 45 -15.98 4.69 13.53
C ARG A 45 -15.04 3.52 13.24
N GLY A 46 -13.95 3.41 14.01
CA GLY A 46 -12.99 2.35 13.80
C GLY A 46 -12.22 2.52 12.50
N ARG A 47 -12.01 3.77 12.10
CA ARG A 47 -11.34 4.06 10.85
C ARG A 47 -9.86 4.36 11.11
N GLY A 48 -9.13 3.31 11.40
CA GLY A 48 -7.71 3.42 11.67
C GLY A 48 -7.12 2.07 12.03
N PRO A 49 -5.95 2.03 12.66
CA PRO A 49 -5.12 3.19 12.97
C PRO A 49 -3.92 3.30 12.04
N PHE A 50 -4.07 2.79 10.83
CA PHE A 50 -2.96 2.67 9.90
C PHE A 50 -2.62 3.98 9.20
N ARG A 51 -1.34 4.14 8.90
CA ARG A 51 -0.85 5.19 8.03
C ARG A 51 -0.53 4.57 6.67
N LEU A 52 -0.08 5.36 5.71
CA LEU A 52 0.29 4.84 4.41
C LEU A 52 1.71 5.23 4.07
N VAL A 53 2.53 4.25 3.71
CA VAL A 53 3.92 4.50 3.38
C VAL A 53 4.10 4.64 1.88
N ALA A 54 3.64 3.64 1.13
CA ALA A 54 3.76 3.67 -0.32
C ALA A 54 2.70 2.79 -0.97
N THR A 55 2.54 2.94 -2.28
CA THR A 55 1.60 2.14 -3.03
C THR A 55 2.15 1.83 -4.42
N TRP A 56 2.11 0.56 -4.81
CA TRP A 56 2.58 0.14 -6.12
C TRP A 56 1.40 -0.26 -6.99
N ALA A 57 1.54 -0.14 -8.30
CA ALA A 57 0.48 -0.49 -9.22
C ALA A 57 1.02 -1.31 -10.39
N PHE A 58 0.58 -2.56 -10.49
CA PHE A 58 1.00 -3.43 -11.58
C PHE A 58 -0.22 -4.00 -12.29
N PRO A 59 -0.22 -3.99 -13.62
CA PRO A 59 -1.32 -4.52 -14.41
C PRO A 59 -1.28 -6.04 -14.50
N SER A 60 -0.11 -6.62 -14.25
CA SER A 60 0.09 -8.04 -14.41
C SER A 60 -0.26 -8.80 -13.13
N LYS A 61 -1.11 -9.81 -13.28
CA LYS A 61 -1.50 -10.66 -12.17
C LYS A 61 -0.29 -11.39 -11.60
N GLU A 62 0.55 -11.90 -12.50
CA GLU A 62 1.73 -12.65 -12.11
C GLU A 62 2.73 -11.74 -11.40
N GLU A 63 2.81 -10.51 -11.84
CA GLU A 63 3.70 -9.52 -11.24
C GLU A 63 3.27 -9.25 -9.80
N ALA A 64 1.97 -9.03 -9.62
CA ALA A 64 1.41 -8.72 -8.31
C ALA A 64 1.64 -9.86 -7.32
N MET A 65 1.37 -11.09 -7.76
CA MET A 65 1.56 -12.26 -6.91
C MET A 65 3.03 -12.44 -6.57
N ARG A 66 3.88 -12.27 -7.58
CA ARG A 66 5.32 -12.39 -7.41
C ARG A 66 5.84 -11.34 -6.42
N TRP A 67 5.46 -10.10 -6.64
CA TRP A 67 5.95 -8.97 -5.84
C TRP A 67 5.66 -9.21 -4.36
N GLU A 68 4.40 -9.45 -4.04
CA GLU A 68 3.97 -9.67 -2.66
C GLU A 68 4.69 -10.89 -2.08
N TYR A 69 4.77 -11.93 -2.89
CA TYR A 69 5.46 -13.17 -2.52
C TYR A 69 6.91 -12.92 -2.09
N GLU A 70 7.65 -12.19 -2.93
CA GLU A 70 9.06 -11.92 -2.66
C GLU A 70 9.24 -11.13 -1.36
N VAL A 71 8.52 -10.01 -1.25
CA VAL A 71 8.64 -9.12 -0.10
C VAL A 71 8.35 -9.84 1.22
N LYS A 72 7.42 -10.80 1.20
CA LYS A 72 7.07 -11.52 2.42
C LYS A 72 8.19 -12.45 2.87
N HIS A 73 8.74 -13.23 1.94
CA HIS A 73 9.77 -14.22 2.27
C HIS A 73 11.13 -13.55 2.43
N LEU A 74 11.18 -12.29 2.05
CA LEU A 74 12.39 -11.46 2.16
C LEU A 74 12.76 -11.22 3.64
N SER A 75 14.06 -11.23 3.96
CA SER A 75 14.54 -11.01 5.32
C SER A 75 14.49 -9.52 5.66
N ARG A 76 14.35 -9.20 6.96
CA ARG A 76 14.09 -7.82 7.47
C ARG A 76 14.65 -6.68 6.62
N ARG A 77 15.92 -6.79 6.21
CA ARG A 77 16.58 -5.69 5.49
C ARG A 77 15.86 -5.39 4.17
N LYS A 78 15.02 -6.33 3.76
CA LYS A 78 14.21 -6.16 2.57
C LYS A 78 13.23 -5.03 2.75
N LYS A 79 12.67 -4.95 3.96
CA LYS A 79 11.62 -4.02 4.22
C LYS A 79 12.22 -2.64 4.36
N GLU A 80 13.44 -2.63 4.90
CA GLU A 80 14.24 -1.43 4.97
C GLU A 80 14.63 -0.95 3.56
N GLN A 81 15.02 -1.89 2.72
CA GLN A 81 15.44 -1.58 1.35
C GLN A 81 14.25 -1.23 0.46
N LEU A 82 13.17 -2.00 0.61
CA LEU A 82 11.96 -1.83 -0.21
C LEU A 82 11.45 -0.39 -0.15
N VAL A 83 11.37 0.16 1.06
CA VAL A 83 10.91 1.53 1.24
C VAL A 83 11.91 2.54 0.71
N SER A 84 13.19 2.23 0.86
CA SER A 84 14.24 3.11 0.38
C SER A 84 14.28 3.14 -1.15
N LEU A 85 13.67 2.13 -1.76
CA LEU A 85 13.59 2.04 -3.21
C LEU A 85 12.35 2.78 -3.72
N LYS A 86 11.41 3.03 -2.82
CA LYS A 86 10.14 3.65 -3.18
C LYS A 86 9.47 4.23 -1.94
N GLY A 87 9.67 5.51 -1.73
CA GLY A 87 9.22 6.16 -0.52
C GLY A 87 10.23 7.18 -0.05
N GLY A 88 11.47 7.00 -0.49
CA GLY A 88 12.58 7.86 -0.11
C GLY A 88 12.92 7.80 1.38
N PRO A 89 14.22 7.94 1.71
CA PRO A 89 14.69 7.86 3.08
C PRO A 89 14.59 9.19 3.84
N TYR A 90 13.47 9.38 4.54
CA TYR A 90 13.25 10.57 5.33
C TYR A 90 13.96 10.49 6.66
N GLU A 91 14.21 9.28 7.13
CA GLU A 91 14.85 9.08 8.42
C GLU A 91 16.33 8.73 8.26
N ASN A 92 16.72 8.38 7.03
CA ASN A 92 18.11 8.02 6.76
C ASN A 92 18.90 9.29 6.42
N THR A 93 18.53 10.38 7.08
CA THR A 93 19.23 11.65 6.94
C THR A 93 20.63 11.51 7.52
N THR A 94 20.73 10.68 8.54
CA THR A 94 21.99 10.27 9.11
C THR A 94 21.90 8.80 9.48
N LYS A 95 22.99 8.07 9.31
CA LYS A 95 23.01 6.66 9.66
C LYS A 95 23.45 6.48 11.11
N LEU A 96 23.73 7.61 11.78
CA LEU A 96 24.26 7.60 13.14
C LEU A 96 25.70 7.09 13.11
N SER A 97 25.84 5.76 13.06
CA SER A 97 27.12 5.11 12.89
C SER A 97 26.90 3.70 12.38
N THR A 98 26.44 2.82 13.26
CA THR A 98 26.09 1.46 12.90
C THR A 98 25.40 0.79 14.10
N THR A 99 24.50 -0.15 13.84
CA THR A 99 23.84 -0.86 14.90
C THR A 99 24.62 -2.13 15.27
N MET A 6 -8.88 -8.71 -13.06
CA MET A 6 -9.05 -7.29 -12.75
C MET A 6 -7.70 -6.63 -12.53
N ASN A 7 -7.69 -5.46 -11.91
CA ASN A 7 -6.45 -4.76 -11.61
C ASN A 7 -5.97 -5.17 -10.22
N HIS A 8 -4.66 -5.20 -10.02
CA HIS A 8 -4.12 -5.70 -8.77
C HIS A 8 -3.20 -4.67 -8.13
N TYR A 9 -3.44 -4.39 -6.85
CA TYR A 9 -2.59 -3.48 -6.09
C TYR A 9 -1.91 -4.22 -4.95
N VAL A 10 -0.66 -3.87 -4.70
CA VAL A 10 0.02 -4.29 -3.49
C VAL A 10 0.17 -3.08 -2.57
N TYR A 11 -0.48 -3.10 -1.42
CA TYR A 11 -0.38 -1.97 -0.51
C TYR A 11 0.40 -2.37 0.74
N ILE A 12 1.18 -1.44 1.26
CA ILE A 12 1.85 -1.66 2.50
C ILE A 12 1.40 -0.61 3.52
N LEU A 13 0.72 -1.07 4.57
CA LEU A 13 0.11 -0.16 5.52
C LEU A 13 0.95 -0.07 6.78
N GLU A 14 1.18 1.15 7.23
CA GLU A 14 1.99 1.40 8.41
C GLU A 14 1.12 1.45 9.66
N CYS A 15 1.40 0.56 10.59
CA CYS A 15 0.73 0.56 11.86
C CYS A 15 1.53 1.38 12.87
N LYS A 16 0.94 1.62 14.03
CA LYS A 16 1.53 2.45 15.08
C LYS A 16 3.00 2.12 15.34
N ASP A 17 3.29 0.86 15.60
CA ASP A 17 4.63 0.47 16.05
C ASP A 17 5.55 0.15 14.88
N GLY A 18 5.19 0.63 13.70
CA GLY A 18 6.04 0.45 12.52
C GLY A 18 5.82 -0.87 11.84
N SER A 19 4.73 -1.55 12.19
CA SER A 19 4.40 -2.81 11.57
C SER A 19 3.79 -2.59 10.19
N TRP A 20 4.62 -2.62 9.17
CA TRP A 20 4.15 -2.47 7.80
C TRP A 20 3.50 -3.75 7.31
N TYR A 21 2.25 -3.64 6.90
CA TYR A 21 1.53 -4.78 6.40
C TYR A 21 1.49 -4.78 4.89
N THR A 22 2.20 -5.71 4.28
CA THR A 22 2.19 -5.85 2.84
C THR A 22 1.03 -6.76 2.43
N GLY A 23 -0.09 -6.14 2.06
CA GLY A 23 -1.29 -6.89 1.78
C GLY A 23 -1.71 -6.81 0.33
N TYR A 24 -2.72 -7.59 -0.01
CA TYR A 24 -3.20 -7.68 -1.38
C TYR A 24 -4.58 -7.05 -1.52
N THR A 25 -4.81 -6.36 -2.63
CA THR A 25 -6.11 -5.77 -2.92
C THR A 25 -6.32 -5.70 -4.43
N THR A 26 -7.56 -5.89 -4.85
CA THR A 26 -7.95 -5.64 -6.23
C THR A 26 -8.00 -4.13 -6.46
N ASP A 27 -8.39 -3.69 -7.64
CA ASP A 27 -8.43 -2.26 -7.93
C ASP A 27 -9.48 -1.56 -7.09
N VAL A 28 -9.18 -0.31 -6.74
CA VAL A 28 -10.08 0.51 -5.93
C VAL A 28 -11.41 0.71 -6.65
N ASP A 29 -11.39 0.56 -7.96
CA ASP A 29 -12.58 0.75 -8.78
C ASP A 29 -13.63 -0.30 -8.43
N ARG A 30 -13.17 -1.53 -8.19
CA ARG A 30 -14.02 -2.60 -7.68
C ARG A 30 -14.63 -2.22 -6.33
N ARG A 31 -13.83 -1.59 -5.47
CA ARG A 31 -14.26 -1.23 -4.13
C ARG A 31 -15.24 -0.05 -4.15
N ILE A 32 -14.88 1.01 -4.87
CA ILE A 32 -15.70 2.21 -4.93
C ILE A 32 -17.08 1.91 -5.53
N LYS A 33 -17.10 1.19 -6.67
CA LYS A 33 -18.36 0.82 -7.30
C LYS A 33 -19.20 -0.06 -6.38
N LYS A 34 -18.52 -0.95 -5.65
CA LYS A 34 -19.21 -1.86 -4.73
C LYS A 34 -20.01 -1.07 -3.70
N HIS A 35 -19.46 0.07 -3.27
CA HIS A 35 -20.15 0.94 -2.34
C HIS A 35 -21.37 1.57 -3.00
N ALA A 36 -21.17 2.03 -4.24
CA ALA A 36 -22.26 2.60 -5.04
C ALA A 36 -23.37 1.58 -5.27
N SER A 37 -22.97 0.31 -5.41
CA SER A 37 -23.93 -0.77 -5.59
C SER A 37 -24.73 -0.98 -4.31
N GLY A 38 -24.09 -0.75 -3.18
CA GLY A 38 -24.76 -0.94 -1.91
C GLY A 38 -25.67 0.21 -1.55
N LYS A 39 -25.40 1.38 -2.15
CA LYS A 39 -26.18 2.60 -1.93
C LYS A 39 -25.98 3.17 -0.53
N GLY A 40 -26.42 2.43 0.48
CA GLY A 40 -26.23 2.86 1.84
C GLY A 40 -24.78 2.77 2.27
N ALA A 41 -24.27 1.53 2.35
CA ALA A 41 -22.87 1.27 2.68
C ALA A 41 -22.44 1.97 3.97
N LYS A 42 -22.60 1.30 5.09
CA LYS A 42 -22.27 1.88 6.38
C LYS A 42 -20.76 1.92 6.58
N TYR A 43 -20.28 2.99 7.19
CA TYR A 43 -18.85 3.19 7.39
C TYR A 43 -18.31 2.24 8.46
N THR A 44 -17.74 1.13 8.01
CA THR A 44 -17.13 0.17 8.91
C THR A 44 -15.61 0.14 8.71
N ARG A 45 -14.89 0.82 9.58
CA ARG A 45 -13.43 0.85 9.53
C ARG A 45 -12.85 -0.33 10.28
N GLY A 46 -11.56 -0.60 10.04
CA GLY A 46 -10.89 -1.66 10.76
C GLY A 46 -10.49 -1.23 12.16
N ARG A 47 -9.23 -1.42 12.51
CA ARG A 47 -8.74 -1.01 13.81
C ARG A 47 -7.86 0.22 13.68
N GLY A 48 -6.66 0.03 13.13
CA GLY A 48 -5.75 1.14 12.92
C GLY A 48 -4.49 1.01 13.75
N PRO A 49 -3.60 2.01 13.73
CA PRO A 49 -3.75 3.21 12.87
C PRO A 49 -3.53 2.90 11.40
N PHE A 50 -4.00 3.78 10.53
CA PHE A 50 -3.90 3.57 9.09
C PHE A 50 -3.01 4.63 8.44
N ARG A 51 -1.76 4.27 8.17
CA ARG A 51 -0.88 5.15 7.40
C ARG A 51 -0.43 4.44 6.13
N LEU A 52 -0.81 4.98 4.99
CA LEU A 52 -0.44 4.37 3.72
C LEU A 52 0.98 4.78 3.33
N VAL A 53 1.90 3.81 3.37
CA VAL A 53 3.29 4.08 3.04
C VAL A 53 3.48 4.12 1.53
N ALA A 54 2.97 3.11 0.85
CA ALA A 54 3.04 3.05 -0.60
C ALA A 54 2.04 2.06 -1.16
N THR A 55 1.79 2.15 -2.47
CA THR A 55 0.90 1.24 -3.15
C THR A 55 1.41 0.97 -4.56
N TRP A 56 1.62 -0.30 -4.89
CA TRP A 56 2.13 -0.67 -6.20
C TRP A 56 1.02 -1.28 -7.05
N ALA A 57 0.83 -0.72 -8.23
CA ALA A 57 -0.20 -1.19 -9.15
C ALA A 57 0.38 -2.09 -10.23
N PHE A 58 -0.15 -3.30 -10.33
CA PHE A 58 0.25 -4.23 -11.37
C PHE A 58 -0.97 -4.76 -12.10
N PRO A 59 -1.08 -4.49 -13.40
CA PRO A 59 -2.19 -4.97 -14.24
C PRO A 59 -2.11 -6.48 -14.48
N SER A 60 -1.04 -7.11 -14.01
CA SER A 60 -0.84 -8.53 -14.20
C SER A 60 -0.95 -9.27 -12.88
N LYS A 61 -1.73 -10.35 -12.87
CA LYS A 61 -1.84 -11.21 -11.70
C LYS A 61 -0.49 -11.83 -11.38
N GLU A 62 0.30 -12.08 -12.42
CA GLU A 62 1.60 -12.74 -12.27
C GLU A 62 2.52 -11.88 -11.43
N GLU A 63 2.64 -10.62 -11.82
CA GLU A 63 3.48 -9.67 -11.10
C GLU A 63 2.96 -9.47 -9.68
N ALA A 64 1.65 -9.37 -9.53
CA ALA A 64 1.03 -9.18 -8.23
C ALA A 64 1.37 -10.31 -7.27
N MET A 65 1.22 -11.54 -7.74
CA MET A 65 1.50 -12.72 -6.91
C MET A 65 2.99 -12.80 -6.61
N ARG A 66 3.80 -12.54 -7.61
CA ARG A 66 5.25 -12.70 -7.51
C ARG A 66 5.85 -11.62 -6.61
N TRP A 67 5.44 -10.39 -6.82
CA TRP A 67 5.96 -9.26 -6.06
C TRP A 67 5.70 -9.44 -4.58
N GLU A 68 4.44 -9.69 -4.24
CA GLU A 68 4.04 -9.87 -2.85
C GLU A 68 4.80 -11.03 -2.22
N TYR A 69 4.83 -12.15 -2.93
CA TYR A 69 5.54 -13.34 -2.49
C TYR A 69 6.98 -13.02 -2.12
N GLU A 70 7.68 -12.36 -3.03
CA GLU A 70 9.08 -12.04 -2.83
C GLU A 70 9.29 -11.19 -1.58
N VAL A 71 8.54 -10.09 -1.49
CA VAL A 71 8.65 -9.17 -0.36
C VAL A 71 8.30 -9.86 0.96
N LYS A 72 7.29 -10.72 0.94
CA LYS A 72 6.89 -11.46 2.13
C LYS A 72 8.00 -12.38 2.62
N HIS A 73 8.82 -12.87 1.70
CA HIS A 73 9.88 -13.82 2.05
C HIS A 73 11.21 -13.09 2.24
N LEU A 74 11.19 -11.78 2.18
CA LEU A 74 12.38 -10.97 2.42
C LEU A 74 12.59 -10.76 3.90
N SER A 75 13.83 -10.51 4.29
CA SER A 75 14.15 -10.20 5.66
C SER A 75 13.69 -8.77 5.97
N ARG A 76 13.51 -8.44 7.24
CA ARG A 76 13.02 -7.12 7.62
C ARG A 76 13.92 -6.03 7.04
N ARG A 77 15.22 -6.30 7.00
CA ARG A 77 16.19 -5.29 6.57
C ARG A 77 15.94 -4.90 5.13
N LYS A 78 15.61 -5.87 4.28
CA LYS A 78 15.38 -5.58 2.87
C LYS A 78 13.96 -5.09 2.65
N LYS A 79 13.03 -5.53 3.50
CA LYS A 79 11.68 -5.03 3.47
C LYS A 79 11.67 -3.55 3.83
N GLU A 80 12.41 -3.22 4.88
CA GLU A 80 12.56 -1.84 5.32
C GLU A 80 13.34 -1.05 4.28
N GLN A 81 14.37 -1.69 3.72
CA GLN A 81 15.16 -1.14 2.62
C GLN A 81 14.25 -0.69 1.49
N LEU A 82 13.35 -1.58 1.10
CA LEU A 82 12.44 -1.34 -0.01
C LEU A 82 11.60 -0.09 0.24
N VAL A 83 11.25 0.14 1.50
CA VAL A 83 10.46 1.31 1.86
C VAL A 83 11.33 2.57 1.94
N SER A 84 12.56 2.41 2.40
CA SER A 84 13.50 3.52 2.45
C SER A 84 13.83 4.00 1.04
N LEU A 85 13.68 3.09 0.07
CA LEU A 85 13.89 3.43 -1.34
C LEU A 85 12.81 4.37 -1.84
N LYS A 86 11.66 4.39 -1.17
CA LYS A 86 10.61 5.31 -1.50
C LYS A 86 10.95 6.71 -0.97
N GLY A 87 11.97 7.31 -1.56
CA GLY A 87 12.29 8.69 -1.25
C GLY A 87 11.60 9.62 -2.22
N GLY A 88 10.85 9.00 -3.15
CA GLY A 88 10.19 9.74 -4.20
C GLY A 88 11.17 10.47 -5.11
N PRO A 89 10.68 11.04 -6.21
CA PRO A 89 11.51 11.82 -7.12
C PRO A 89 11.88 13.19 -6.52
N TYR A 90 10.97 13.70 -5.70
CA TYR A 90 11.16 15.00 -5.05
C TYR A 90 10.24 15.09 -3.83
N GLU A 91 9.82 13.93 -3.33
CA GLU A 91 8.81 13.83 -2.27
C GLU A 91 7.48 14.42 -2.73
N ASN A 92 7.37 15.73 -2.69
CA ASN A 92 6.17 16.44 -3.13
C ASN A 92 6.43 17.94 -3.20
N THR A 93 7.08 18.47 -2.15
CA THR A 93 7.52 19.87 -2.08
C THR A 93 6.39 20.87 -2.38
N THR A 94 5.15 20.44 -2.22
CA THR A 94 4.01 21.32 -2.45
C THR A 94 3.37 21.73 -1.12
N LYS A 95 3.91 21.17 -0.03
CA LYS A 95 3.49 21.52 1.33
C LYS A 95 2.07 21.02 1.61
N LEU A 96 1.50 20.30 0.66
CA LEU A 96 0.13 19.76 0.74
C LEU A 96 -0.90 20.88 0.67
N SER A 97 -0.89 21.75 1.67
CA SER A 97 -1.82 22.88 1.76
C SER A 97 -3.27 22.39 1.92
N THR A 98 -3.41 21.13 2.31
CA THR A 98 -4.71 20.54 2.54
C THR A 98 -4.87 20.16 4.01
N THR A 99 -5.96 20.59 4.61
CA THR A 99 -6.24 20.27 6.00
C THR A 99 -7.71 20.51 6.32
N MET A 6 -8.39 -6.00 -15.18
CA MET A 6 -8.44 -5.36 -13.85
C MET A 6 -7.09 -4.84 -13.36
N ASN A 7 -7.13 -3.77 -12.57
CA ASN A 7 -5.91 -3.22 -11.98
C ASN A 7 -5.59 -3.96 -10.69
N HIS A 8 -4.32 -4.00 -10.33
CA HIS A 8 -3.89 -4.74 -9.15
C HIS A 8 -3.02 -3.84 -8.28
N TYR A 9 -3.53 -3.46 -7.11
CA TYR A 9 -2.86 -2.49 -6.26
C TYR A 9 -2.04 -3.17 -5.17
N VAL A 10 -0.91 -2.55 -4.83
CA VAL A 10 -0.12 -2.95 -3.67
C VAL A 10 -0.02 -1.77 -2.72
N TYR A 11 -0.64 -1.88 -1.57
CA TYR A 11 -0.57 -0.82 -0.57
C TYR A 11 0.29 -1.27 0.60
N ILE A 12 1.00 -0.33 1.20
CA ILE A 12 1.78 -0.64 2.39
C ILE A 12 1.45 0.39 3.49
N LEU A 13 0.87 -0.11 4.57
CA LEU A 13 0.42 0.75 5.64
C LEU A 13 1.23 0.54 6.91
N GLU A 14 1.74 1.64 7.43
CA GLU A 14 2.54 1.64 8.65
C GLU A 14 1.64 1.58 9.86
N CYS A 15 1.68 0.46 10.57
CA CYS A 15 0.83 0.27 11.72
C CYS A 15 1.57 0.63 13.00
N LYS A 16 0.80 1.00 14.03
CA LYS A 16 1.37 1.36 15.33
C LYS A 16 2.14 0.18 15.92
N ASP A 17 1.85 -1.01 15.40
CA ASP A 17 2.49 -2.24 15.88
C ASP A 17 3.93 -2.36 15.36
N GLY A 18 4.36 -1.36 14.58
CA GLY A 18 5.75 -1.30 14.18
C GLY A 18 6.04 -2.06 12.90
N SER A 19 5.00 -2.55 12.26
CA SER A 19 5.17 -3.30 11.03
C SER A 19 4.47 -2.62 9.86
N TRP A 20 5.02 -2.78 8.67
CA TRP A 20 4.40 -2.27 7.47
C TRP A 20 3.52 -3.34 6.85
N TYR A 21 2.26 -3.00 6.62
CA TYR A 21 1.31 -3.96 6.11
C TYR A 21 1.28 -3.93 4.60
N THR A 22 1.95 -4.90 4.00
CA THR A 22 2.01 -5.01 2.55
C THR A 22 0.89 -5.93 2.07
N GLY A 23 -0.11 -5.35 1.43
CA GLY A 23 -1.26 -6.15 1.02
C GLY A 23 -1.64 -5.95 -0.43
N TYR A 24 -1.90 -7.06 -1.10
CA TYR A 24 -2.41 -7.04 -2.46
C TYR A 24 -3.92 -6.84 -2.45
N THR A 25 -4.41 -5.96 -3.31
CA THR A 25 -5.84 -5.78 -3.48
C THR A 25 -6.15 -5.48 -4.95
N THR A 26 -7.13 -6.19 -5.48
CA THR A 26 -7.53 -6.02 -6.86
C THR A 26 -8.39 -4.76 -7.03
N ASP A 27 -8.85 -4.52 -8.25
CA ASP A 27 -9.68 -3.37 -8.55
C ASP A 27 -11.06 -3.53 -7.91
N VAL A 28 -11.95 -2.58 -8.16
CA VAL A 28 -13.28 -2.57 -7.57
C VAL A 28 -14.05 -3.87 -7.84
N ASP A 29 -13.58 -4.65 -8.83
CA ASP A 29 -14.19 -5.92 -9.16
C ASP A 29 -14.27 -6.83 -7.94
N ARG A 30 -13.18 -6.90 -7.18
CA ARG A 30 -13.14 -7.75 -6.00
C ARG A 30 -13.96 -7.13 -4.88
N ARG A 31 -13.92 -5.81 -4.78
CA ARG A 31 -14.61 -5.07 -3.74
C ARG A 31 -16.11 -5.32 -3.81
N ILE A 32 -16.73 -4.98 -4.93
CA ILE A 32 -18.17 -5.16 -5.09
C ILE A 32 -18.55 -6.64 -5.00
N LYS A 33 -17.72 -7.50 -5.60
CA LYS A 33 -17.98 -8.93 -5.65
C LYS A 33 -18.03 -9.54 -4.26
N LYS A 34 -16.97 -9.32 -3.48
CA LYS A 34 -16.84 -9.91 -2.16
C LYS A 34 -17.97 -9.44 -1.25
N HIS A 35 -18.34 -8.17 -1.37
CA HIS A 35 -19.42 -7.60 -0.58
C HIS A 35 -20.75 -8.23 -0.99
N ALA A 36 -20.95 -8.37 -2.29
CA ALA A 36 -22.15 -9.00 -2.83
C ALA A 36 -22.28 -10.45 -2.37
N SER A 37 -21.15 -11.16 -2.37
CA SER A 37 -21.12 -12.55 -1.94
C SER A 37 -21.36 -12.65 -0.43
N GLY A 38 -20.75 -11.76 0.32
CA GLY A 38 -20.92 -11.76 1.76
C GLY A 38 -22.38 -11.60 2.15
N LYS A 39 -23.04 -10.62 1.54
CA LYS A 39 -24.46 -10.34 1.77
C LYS A 39 -24.78 -10.30 3.26
N GLY A 40 -24.54 -9.17 3.89
CA GLY A 40 -24.61 -9.06 5.32
C GLY A 40 -23.24 -8.83 5.90
N ALA A 41 -22.24 -9.48 5.31
CA ALA A 41 -20.86 -9.24 5.64
C ALA A 41 -20.38 -7.99 4.91
N LYS A 42 -20.48 -6.86 5.58
CA LYS A 42 -20.18 -5.58 4.97
C LYS A 42 -18.72 -5.21 5.19
N TYR A 43 -18.12 -5.82 6.21
CA TYR A 43 -16.78 -5.48 6.67
C TYR A 43 -16.80 -4.10 7.33
N THR A 44 -16.51 -4.08 8.63
CA THR A 44 -16.65 -2.87 9.43
C THR A 44 -15.48 -1.89 9.21
N ARG A 45 -15.03 -1.78 7.95
CA ARG A 45 -14.01 -0.81 7.52
C ARG A 45 -12.63 -1.16 8.06
N GLY A 46 -12.51 -1.23 9.38
CA GLY A 46 -11.22 -1.31 10.03
C GLY A 46 -10.81 0.07 10.50
N ARG A 47 -10.20 0.83 9.61
CA ARG A 47 -9.93 2.26 9.83
C ARG A 47 -9.14 2.50 11.11
N GLY A 48 -7.85 2.19 11.09
CA GLY A 48 -7.00 2.52 12.19
C GLY A 48 -6.42 1.30 12.87
N PRO A 49 -5.14 1.35 13.28
CA PRO A 49 -4.25 2.46 12.99
C PRO A 49 -3.44 2.21 11.72
N PHE A 50 -3.44 3.18 10.81
CA PHE A 50 -2.72 3.03 9.56
C PHE A 50 -2.10 4.35 9.11
N ARG A 51 -0.82 4.30 8.77
CA ARG A 51 -0.13 5.43 8.18
C ARG A 51 0.32 5.06 6.78
N LEU A 52 -0.01 5.86 5.79
CA LEU A 52 0.26 5.49 4.41
C LEU A 52 1.71 5.81 4.04
N VAL A 53 2.49 4.75 3.83
CA VAL A 53 3.88 4.90 3.44
C VAL A 53 3.97 5.03 1.91
N ALA A 54 3.24 4.16 1.22
CA ALA A 54 3.18 4.19 -0.24
C ALA A 54 2.08 3.26 -0.76
N THR A 55 1.64 3.52 -1.98
CA THR A 55 0.67 2.67 -2.66
C THR A 55 0.85 2.77 -4.17
N TRP A 56 1.00 1.63 -4.81
CA TRP A 56 1.22 1.57 -6.24
C TRP A 56 0.48 0.39 -6.84
N ALA A 57 0.61 0.17 -8.14
CA ALA A 57 -0.18 -0.86 -8.81
C ALA A 57 0.57 -1.52 -9.96
N PHE A 58 0.15 -2.74 -10.27
CA PHE A 58 0.68 -3.48 -11.41
C PHE A 58 -0.48 -4.00 -12.25
N PRO A 59 -0.35 -3.99 -13.58
CA PRO A 59 -1.39 -4.48 -14.49
C PRO A 59 -1.49 -5.99 -14.49
N SER A 60 -0.40 -6.65 -14.12
CA SER A 60 -0.32 -8.11 -14.19
C SER A 60 -0.64 -8.76 -12.84
N LYS A 61 -1.59 -9.70 -12.85
CA LYS A 61 -1.97 -10.42 -11.64
C LYS A 61 -0.77 -11.17 -11.07
N GLU A 62 -0.08 -11.89 -11.94
CA GLU A 62 1.07 -12.71 -11.55
C GLU A 62 2.11 -11.87 -10.80
N GLU A 63 2.51 -10.76 -11.41
CA GLU A 63 3.51 -9.89 -10.81
C GLU A 63 3.01 -9.26 -9.52
N ALA A 64 1.77 -8.80 -9.51
CA ALA A 64 1.21 -8.17 -8.32
C ALA A 64 1.13 -9.17 -7.17
N MET A 65 0.69 -10.39 -7.48
CA MET A 65 0.58 -11.44 -6.48
C MET A 65 1.96 -11.88 -6.01
N ARG A 66 2.86 -12.11 -6.97
CA ARG A 66 4.23 -12.50 -6.66
C ARG A 66 4.89 -11.46 -5.79
N TRP A 67 4.73 -10.20 -6.18
CA TRP A 67 5.34 -9.07 -5.49
C TRP A 67 4.97 -9.07 -4.01
N GLU A 68 3.67 -9.11 -3.72
CA GLU A 68 3.19 -9.09 -2.34
C GLU A 68 3.89 -10.15 -1.52
N TYR A 69 3.77 -11.39 -1.97
CA TYR A 69 4.33 -12.52 -1.26
C TYR A 69 5.84 -12.42 -1.15
N GLU A 70 6.50 -12.04 -2.24
CA GLU A 70 7.95 -11.97 -2.26
C GLU A 70 8.46 -10.98 -1.21
N VAL A 71 7.81 -9.83 -1.13
CA VAL A 71 8.22 -8.79 -0.17
C VAL A 71 7.93 -9.20 1.27
N LYS A 72 6.76 -9.80 1.52
CA LYS A 72 6.43 -10.29 2.85
C LYS A 72 7.28 -11.51 3.21
N HIS A 73 7.90 -12.08 2.19
CA HIS A 73 8.71 -13.28 2.34
C HIS A 73 10.19 -12.89 2.50
N LEU A 74 10.48 -11.63 2.23
CA LEU A 74 11.84 -11.11 2.32
C LEU A 74 12.26 -10.97 3.78
N SER A 75 13.57 -10.84 3.96
CA SER A 75 14.12 -10.59 5.28
C SER A 75 13.79 -9.15 5.68
N ARG A 76 13.78 -8.87 6.97
CA ARG A 76 13.34 -7.57 7.46
C ARG A 76 14.22 -6.44 6.87
N ARG A 77 15.47 -6.76 6.58
CA ARG A 77 16.39 -5.80 6.01
C ARG A 77 15.98 -5.44 4.58
N LYS A 78 15.56 -6.45 3.82
CA LYS A 78 15.16 -6.25 2.44
C LYS A 78 13.84 -5.50 2.35
N LYS A 79 12.92 -5.80 3.26
CA LYS A 79 11.66 -5.08 3.33
C LYS A 79 11.90 -3.61 3.62
N GLU A 80 12.79 -3.35 4.58
CA GLU A 80 13.17 -2.00 4.96
C GLU A 80 13.89 -1.30 3.81
N GLN A 81 14.79 -2.03 3.16
CA GLN A 81 15.55 -1.50 2.04
C GLN A 81 14.62 -1.10 0.91
N LEU A 82 13.61 -1.92 0.67
CA LEU A 82 12.66 -1.70 -0.40
C LEU A 82 11.84 -0.43 -0.14
N VAL A 83 11.44 -0.24 1.12
CA VAL A 83 10.70 0.96 1.50
C VAL A 83 11.59 2.20 1.43
N SER A 84 12.86 2.02 1.75
CA SER A 84 13.83 3.09 1.60
C SER A 84 14.06 3.39 0.13
N LEU A 85 13.81 2.38 -0.71
CA LEU A 85 13.94 2.51 -2.14
C LEU A 85 12.60 2.85 -2.80
N LYS A 86 11.64 3.31 -1.99
CA LYS A 86 10.38 3.82 -2.54
C LYS A 86 10.65 4.93 -3.55
N GLY A 87 9.70 5.14 -4.45
CA GLY A 87 9.89 6.09 -5.53
C GLY A 87 9.72 7.55 -5.10
N GLY A 88 10.03 7.83 -3.83
CA GLY A 88 10.04 9.17 -3.24
C GLY A 88 10.25 10.31 -4.23
N PRO A 89 11.42 10.95 -4.19
CA PRO A 89 11.78 11.99 -5.14
C PRO A 89 12.48 11.43 -6.38
N TYR A 90 12.32 10.13 -6.61
CA TYR A 90 12.93 9.47 -7.75
C TYR A 90 12.05 8.31 -8.21
N GLU A 91 11.24 8.59 -9.20
CA GLU A 91 10.30 7.61 -9.75
C GLU A 91 11.04 6.55 -10.56
N ASN A 92 10.36 5.42 -10.79
CA ASN A 92 10.90 4.28 -11.56
C ASN A 92 11.90 3.47 -10.75
N THR A 93 12.71 4.16 -9.95
CA THR A 93 13.68 3.54 -9.05
C THR A 93 14.62 2.56 -9.77
N THR A 94 14.77 2.72 -11.07
CA THR A 94 15.66 1.88 -11.85
C THR A 94 17.13 2.22 -11.54
N LYS A 95 17.73 1.42 -10.70
CA LYS A 95 19.10 1.65 -10.25
C LYS A 95 19.84 0.33 -10.19
N LEU A 96 19.27 -0.67 -10.84
CA LEU A 96 19.68 -2.08 -10.69
C LEU A 96 21.19 -2.29 -10.78
N SER A 97 21.82 -2.21 -9.62
CA SER A 97 23.23 -2.48 -9.43
C SER A 97 23.47 -2.81 -7.97
N THR A 98 23.31 -4.08 -7.64
CA THR A 98 23.43 -4.53 -6.26
C THR A 98 23.90 -5.97 -6.20
N THR A 99 23.45 -6.78 -7.14
CA THR A 99 23.91 -8.15 -7.25
C THR A 99 24.17 -8.54 -8.70
N MET A 6 -7.28 -6.08 -14.16
CA MET A 6 -6.89 -6.40 -12.81
C MET A 6 -6.04 -5.28 -12.21
N ASN A 7 -6.71 -4.32 -11.60
CA ASN A 7 -6.01 -3.25 -10.91
C ASN A 7 -5.54 -3.72 -9.55
N HIS A 8 -4.38 -4.37 -9.53
CA HIS A 8 -3.83 -4.89 -8.30
C HIS A 8 -3.05 -3.81 -7.57
N TYR A 9 -3.32 -3.68 -6.28
CA TYR A 9 -2.62 -2.73 -5.45
C TYR A 9 -1.81 -3.46 -4.38
N VAL A 10 -0.51 -3.20 -4.37
CA VAL A 10 0.33 -3.60 -3.27
C VAL A 10 0.48 -2.41 -2.34
N TYR A 11 -0.36 -2.36 -1.32
CA TYR A 11 -0.36 -1.23 -0.42
C TYR A 11 0.22 -1.64 0.92
N ILE A 12 1.05 -0.80 1.50
CA ILE A 12 1.67 -1.13 2.77
C ILE A 12 1.32 -0.08 3.82
N LEU A 13 0.73 -0.54 4.91
CA LEU A 13 0.30 0.34 6.00
C LEU A 13 1.21 0.17 7.21
N GLU A 14 1.81 1.26 7.65
CA GLU A 14 2.52 1.26 8.91
C GLU A 14 1.53 1.38 10.04
N CYS A 15 1.40 0.34 10.84
CA CYS A 15 0.51 0.39 11.99
C CYS A 15 1.16 1.25 13.06
N LYS A 16 0.38 1.74 14.00
CA LYS A 16 0.88 2.58 15.08
C LYS A 16 2.04 1.92 15.79
N ASP A 17 2.01 0.59 15.84
CA ASP A 17 3.05 -0.20 16.51
C ASP A 17 4.38 -0.10 15.79
N GLY A 18 4.33 0.18 14.49
CA GLY A 18 5.54 0.27 13.70
C GLY A 18 5.67 -0.86 12.70
N SER A 19 4.70 -1.77 12.71
CA SER A 19 4.71 -2.89 11.78
C SER A 19 4.13 -2.48 10.44
N TRP A 20 4.87 -2.75 9.36
CA TRP A 20 4.41 -2.45 8.02
C TRP A 20 3.62 -3.62 7.45
N TYR A 21 2.33 -3.43 7.25
CA TYR A 21 1.48 -4.48 6.73
C TYR A 21 1.33 -4.36 5.22
N THR A 22 1.81 -5.35 4.51
CA THR A 22 1.67 -5.40 3.06
C THR A 22 0.32 -6.02 2.68
N GLY A 23 -0.56 -5.20 2.14
CA GLY A 23 -1.90 -5.66 1.81
C GLY A 23 -2.05 -6.03 0.35
N TYR A 24 -2.74 -7.12 0.11
CA TYR A 24 -3.01 -7.60 -1.24
C TYR A 24 -4.44 -7.30 -1.62
N THR A 25 -4.65 -6.49 -2.64
CA THR A 25 -5.99 -6.29 -3.17
C THR A 25 -5.98 -6.22 -4.69
N THR A 26 -6.98 -6.84 -5.30
CA THR A 26 -7.14 -6.85 -6.75
C THR A 26 -8.62 -6.90 -7.10
N ASP A 27 -9.30 -5.76 -6.97
CA ASP A 27 -10.73 -5.71 -7.21
C ASP A 27 -11.11 -4.49 -8.04
N VAL A 28 -11.54 -4.75 -9.27
CA VAL A 28 -11.96 -3.69 -10.17
C VAL A 28 -13.19 -2.96 -9.61
N ASP A 29 -14.08 -3.72 -8.96
CA ASP A 29 -15.34 -3.18 -8.45
C ASP A 29 -15.09 -2.14 -7.37
N ARG A 30 -14.17 -2.46 -6.46
CA ARG A 30 -13.77 -1.55 -5.40
C ARG A 30 -13.33 -0.21 -5.97
N ARG A 31 -12.51 -0.27 -7.00
CA ARG A 31 -11.95 0.93 -7.61
C ARG A 31 -13.03 1.71 -8.36
N ILE A 32 -13.77 1.03 -9.24
CA ILE A 32 -14.81 1.68 -10.03
C ILE A 32 -15.91 2.27 -9.14
N LYS A 33 -16.22 1.57 -8.05
CA LYS A 33 -17.24 2.04 -7.11
C LYS A 33 -16.87 3.39 -6.51
N LYS A 34 -15.63 3.50 -6.02
CA LYS A 34 -15.14 4.76 -5.48
C LYS A 34 -15.13 5.86 -6.52
N HIS A 35 -14.95 5.48 -7.79
CA HIS A 35 -15.05 6.44 -8.89
C HIS A 35 -16.50 6.88 -9.08
N ALA A 36 -17.40 5.92 -9.08
CA ALA A 36 -18.82 6.18 -9.26
C ALA A 36 -19.39 7.07 -8.16
N SER A 37 -19.26 6.63 -6.91
CA SER A 37 -19.87 7.34 -5.79
C SER A 37 -18.97 8.47 -5.28
N GLY A 38 -17.71 8.16 -5.04
CA GLY A 38 -16.81 9.12 -4.41
C GLY A 38 -16.30 10.16 -5.38
N LYS A 39 -15.89 9.72 -6.56
CA LYS A 39 -15.35 10.59 -7.63
C LYS A 39 -13.99 11.17 -7.24
N GLY A 40 -13.97 11.98 -6.20
CA GLY A 40 -12.72 12.58 -5.75
C GLY A 40 -12.57 12.55 -4.24
N ALA A 41 -13.54 11.93 -3.56
CA ALA A 41 -13.50 11.82 -2.12
C ALA A 41 -12.34 10.93 -1.70
N LYS A 42 -11.32 11.54 -1.11
CA LYS A 42 -10.09 10.82 -0.79
C LYS A 42 -9.94 10.62 0.71
N TYR A 43 -8.74 10.20 1.11
CA TYR A 43 -8.41 9.85 2.50
C TYR A 43 -8.22 11.09 3.37
N THR A 44 -9.07 12.08 3.19
CA THR A 44 -8.95 13.32 3.95
C THR A 44 -9.31 13.11 5.41
N ARG A 45 -8.28 12.86 6.23
CA ARG A 45 -8.45 12.66 7.67
C ARG A 45 -9.25 11.39 7.98
N GLY A 46 -8.55 10.29 8.14
CA GLY A 46 -9.19 9.05 8.52
C GLY A 46 -9.13 8.81 10.01
N ARG A 47 -9.30 7.56 10.44
CA ARG A 47 -9.22 7.23 11.84
C ARG A 47 -7.85 6.63 12.16
N GLY A 48 -7.56 5.50 11.54
CA GLY A 48 -6.29 4.84 11.78
C GLY A 48 -6.48 3.48 12.41
N PRO A 49 -5.42 2.92 13.02
CA PRO A 49 -4.12 3.55 13.08
C PRO A 49 -3.21 3.07 11.96
N PHE A 50 -3.13 3.85 10.89
CA PHE A 50 -2.36 3.45 9.72
C PHE A 50 -1.57 4.62 9.15
N ARG A 51 -0.34 4.35 8.80
CA ARG A 51 0.47 5.29 8.05
C ARG A 51 0.71 4.73 6.66
N LEU A 52 0.03 5.30 5.67
CA LEU A 52 0.16 4.82 4.30
C LEU A 52 1.54 5.18 3.76
N VAL A 53 2.40 4.17 3.67
CA VAL A 53 3.75 4.38 3.20
C VAL A 53 3.77 4.45 1.68
N ALA A 54 3.32 3.39 1.03
CA ALA A 54 3.33 3.34 -0.42
C ALA A 54 2.27 2.39 -0.94
N THR A 55 1.96 2.52 -2.22
CA THR A 55 1.01 1.63 -2.88
C THR A 55 1.39 1.48 -4.35
N TRP A 56 1.67 0.25 -4.76
CA TRP A 56 2.07 -0.03 -6.13
C TRP A 56 0.92 -0.69 -6.89
N ALA A 57 0.60 -0.14 -8.05
CA ALA A 57 -0.49 -0.66 -8.87
C ALA A 57 0.04 -1.38 -10.09
N PHE A 58 -0.36 -2.63 -10.27
CA PHE A 58 0.09 -3.43 -11.41
C PHE A 58 -1.09 -4.14 -12.05
N PRO A 59 -1.24 -3.99 -13.37
CA PRO A 59 -2.33 -4.60 -14.13
C PRO A 59 -1.94 -5.96 -14.72
N SER A 60 -0.93 -6.60 -14.14
CA SER A 60 -0.44 -7.86 -14.64
C SER A 60 -0.55 -8.96 -13.60
N LYS A 61 -0.96 -10.14 -14.03
CA LYS A 61 -1.16 -11.29 -13.15
C LYS A 61 0.12 -11.68 -12.43
N GLU A 62 1.17 -11.99 -13.21
CA GLU A 62 2.43 -12.45 -12.63
C GLU A 62 3.00 -11.40 -11.68
N GLU A 63 3.03 -10.16 -12.14
CA GLU A 63 3.57 -9.07 -11.35
C GLU A 63 2.83 -8.98 -10.00
N ALA A 64 1.51 -9.05 -10.06
CA ALA A 64 0.67 -8.98 -8.87
C ALA A 64 0.96 -10.14 -7.93
N MET A 65 0.92 -11.35 -8.49
CA MET A 65 1.10 -12.58 -7.72
C MET A 65 2.50 -12.63 -7.11
N ARG A 66 3.49 -12.37 -7.95
CA ARG A 66 4.89 -12.41 -7.53
C ARG A 66 5.20 -11.35 -6.50
N TRP A 67 4.70 -10.13 -6.71
CA TRP A 67 4.99 -9.01 -5.83
C TRP A 67 4.60 -9.34 -4.39
N GLU A 68 3.36 -9.79 -4.19
CA GLU A 68 2.88 -10.12 -2.86
C GLU A 68 3.72 -11.22 -2.24
N TYR A 69 3.83 -12.32 -2.98
CA TYR A 69 4.53 -13.52 -2.50
C TYR A 69 5.99 -13.22 -2.18
N GLU A 70 6.62 -12.41 -3.01
CA GLU A 70 8.02 -12.08 -2.80
C GLU A 70 8.17 -11.29 -1.50
N VAL A 71 7.34 -10.26 -1.32
CA VAL A 71 7.36 -9.47 -0.09
C VAL A 71 7.03 -10.34 1.12
N LYS A 72 6.17 -11.33 0.92
CA LYS A 72 5.84 -12.30 1.98
C LYS A 72 7.12 -12.92 2.54
N HIS A 73 8.03 -13.28 1.65
CA HIS A 73 9.26 -13.96 2.06
C HIS A 73 10.40 -12.98 2.35
N LEU A 74 10.15 -11.70 2.16
CA LEU A 74 11.17 -10.69 2.40
C LEU A 74 11.38 -10.48 3.89
N SER A 75 12.63 -10.45 4.30
CA SER A 75 12.97 -10.20 5.69
C SER A 75 12.79 -8.72 5.99
N ARG A 76 12.79 -8.37 7.28
CA ARG A 76 12.66 -6.98 7.71
C ARG A 76 13.61 -6.06 6.95
N ARG A 77 14.86 -6.48 6.82
CA ARG A 77 15.87 -5.62 6.21
C ARG A 77 15.63 -5.48 4.71
N LYS A 78 15.02 -6.48 4.10
CA LYS A 78 14.77 -6.42 2.67
C LYS A 78 13.54 -5.55 2.41
N LYS A 79 12.64 -5.49 3.38
CA LYS A 79 11.50 -4.60 3.30
C LYS A 79 11.96 -3.16 3.49
N GLU A 80 12.94 -2.98 4.39
CA GLU A 80 13.58 -1.69 4.58
C GLU A 80 14.36 -1.29 3.33
N GLN A 81 15.00 -2.29 2.71
CA GLN A 81 15.70 -2.09 1.45
C GLN A 81 14.74 -1.62 0.37
N LEU A 82 13.55 -2.22 0.35
CA LEU A 82 12.54 -1.89 -0.64
C LEU A 82 12.09 -0.44 -0.46
N VAL A 83 11.96 -0.01 0.78
CA VAL A 83 11.59 1.36 1.08
C VAL A 83 12.73 2.32 0.75
N SER A 84 13.94 1.80 0.61
CA SER A 84 15.08 2.61 0.20
C SER A 84 14.90 3.05 -1.27
N LEU A 85 13.86 2.53 -1.91
CA LEU A 85 13.49 2.94 -3.25
C LEU A 85 12.27 3.86 -3.22
N LYS A 86 12.03 4.50 -2.07
CA LYS A 86 10.90 5.40 -1.90
C LYS A 86 11.13 6.33 -0.72
N GLY A 87 10.75 7.59 -0.88
CA GLY A 87 10.89 8.55 0.20
C GLY A 87 11.91 9.62 -0.12
N GLY A 88 12.93 9.23 -0.86
CA GLY A 88 13.97 10.18 -1.25
C GLY A 88 14.69 10.76 -0.05
N PRO A 89 14.64 12.10 0.12
CA PRO A 89 15.37 12.79 1.19
C PRO A 89 14.63 12.83 2.52
N TYR A 90 15.06 12.00 3.45
CA TYR A 90 14.56 12.02 4.81
C TYR A 90 15.76 12.04 5.76
N GLU A 91 16.83 12.67 5.31
CA GLU A 91 18.12 12.58 5.98
C GLU A 91 18.15 13.43 7.24
N ASN A 92 18.90 12.95 8.24
CA ASN A 92 19.05 13.62 9.54
C ASN A 92 17.78 13.52 10.37
N THR A 93 16.66 13.88 9.76
CA THR A 93 15.37 13.84 10.42
C THR A 93 14.71 12.47 10.24
N THR A 94 15.52 11.48 9.88
CA THR A 94 15.02 10.12 9.65
C THR A 94 14.35 9.56 10.90
N LYS A 95 15.16 9.31 11.92
CA LYS A 95 14.66 8.82 13.21
C LYS A 95 15.71 9.02 14.28
N LEU A 96 16.66 9.92 14.00
CA LEU A 96 17.80 10.15 14.90
C LEU A 96 18.56 8.84 15.09
N SER A 97 18.58 8.02 14.06
CA SER A 97 19.16 6.69 14.15
C SER A 97 20.62 6.76 13.75
N THR A 98 20.86 6.93 12.45
CA THR A 98 22.21 7.12 11.92
C THR A 98 23.13 6.01 12.42
N THR A 99 22.63 4.79 12.31
CA THR A 99 23.28 3.62 12.90
C THR A 99 24.60 3.30 12.19
#